data_7QAP
#
_entry.id   7QAP
#
_entity_poly.entity_id   1
_entity_poly.type   'polypeptide(L)'
_entity_poly.pdbx_seq_one_letter_code
;AFRQALQLAACGLAGLSAAVLFSAVAVGKPRAGGD
;
_entity_poly.pdbx_strand_id   A
#
# COMPACT_ATOMS: atom_id res chain seq x y z
N ALA A 1 -13.54 20.31 2.12
CA ALA A 1 -12.46 19.34 1.76
C ALA A 1 -11.08 19.99 1.90
N PHE A 2 -11.07 21.31 2.08
CA PHE A 2 -9.83 22.05 2.23
C PHE A 2 -9.17 21.76 3.57
N ARG A 3 -9.98 21.78 4.64
CA ARG A 3 -9.48 21.52 5.98
C ARG A 3 -9.28 20.02 6.21
N GLN A 4 -10.07 19.22 5.50
CA GLN A 4 -9.98 17.77 5.61
C GLN A 4 -8.71 17.24 4.94
N ALA A 5 -8.14 18.05 4.05
CA ALA A 5 -6.93 17.67 3.34
C ALA A 5 -5.72 17.66 4.27
N LEU A 6 -5.84 18.34 5.41
CA LEU A 6 -4.75 18.40 6.37
C LEU A 6 -4.59 17.08 7.11
N GLN A 7 -5.72 16.47 7.46
CA GLN A 7 -5.71 15.20 8.17
C GLN A 7 -5.57 14.04 7.18
N LEU A 8 -6.07 14.23 5.96
CA LEU A 8 -6.00 13.21 4.93
C LEU A 8 -4.57 13.03 4.43
N ALA A 9 -3.87 14.14 4.25
CA ALA A 9 -2.49 14.11 3.77
C ALA A 9 -1.57 13.43 4.78
N ALA A 10 -1.88 13.59 6.06
CA ALA A 10 -1.08 13.00 7.12
C ALA A 10 -1.52 11.56 7.40
N CYS A 11 -2.71 11.21 6.94
CA CYS A 11 -3.24 9.87 7.12
C CYS A 11 -2.58 8.87 6.17
N GLY A 12 -2.11 9.38 5.03
CA GLY A 12 -1.47 8.52 4.05
C GLY A 12 0.01 8.35 4.33
N LEU A 13 0.65 9.40 4.83
CA LEU A 13 2.07 9.34 5.14
C LEU A 13 2.33 8.32 6.25
N ALA A 14 1.24 7.89 6.89
CA ALA A 14 1.31 6.91 7.97
C ALA A 14 2.04 5.64 7.51
N GLY A 15 1.90 5.32 6.23
CA GLY A 15 2.54 4.14 5.68
C GLY A 15 1.56 3.02 5.41
N LEU A 16 0.29 3.24 5.75
CA LEU A 16 -0.75 2.25 5.55
C LEU A 16 -1.20 2.24 4.09
N SER A 17 -1.20 3.41 3.47
CA SER A 17 -1.61 3.55 2.08
C SER A 17 -0.77 2.66 1.17
N ALA A 18 0.50 2.49 1.53
CA ALA A 18 1.41 1.66 0.76
C ALA A 18 1.01 0.19 0.83
N ALA A 19 0.45 -0.22 1.96
CA ALA A 19 0.03 -1.60 2.16
C ALA A 19 -1.23 -1.91 1.37
N VAL A 20 -1.99 -0.87 1.04
CA VAL A 20 -3.23 -1.03 0.28
C VAL A 20 -2.94 -1.26 -1.19
N LEU A 21 -1.86 -0.65 -1.68
CA LEU A 21 -1.47 -0.79 -3.08
C LEU A 21 -1.07 -2.22 -3.40
N PHE A 22 -0.21 -2.79 -2.56
CA PHE A 22 0.27 -4.16 -2.74
C PHE A 22 -0.89 -5.13 -2.94
N SER A 23 -2.04 -4.80 -2.35
CA SER A 23 -3.22 -5.65 -2.45
C SER A 23 -3.94 -5.43 -3.78
N ALA A 24 -4.02 -4.17 -4.21
CA ALA A 24 -4.69 -3.83 -5.46
C ALA A 24 -3.89 -4.30 -6.68
N VAL A 25 -2.60 -4.55 -6.48
CA VAL A 25 -1.74 -5.00 -7.56
C VAL A 25 -1.96 -6.48 -7.88
N ALA A 26 -2.38 -7.25 -6.88
CA ALA A 26 -2.62 -8.68 -7.06
C ALA A 26 -4.07 -8.97 -7.43
N VAL A 27 -5.01 -8.34 -6.74
CA VAL A 27 -6.43 -8.56 -7.00
C VAL A 27 -6.78 -8.22 -8.44
N GLY A 28 -6.04 -7.28 -9.03
CA GLY A 28 -6.30 -6.89 -10.41
C GLY A 28 -5.54 -7.74 -11.40
N LYS A 29 -4.21 -7.78 -11.26
CA LYS A 29 -3.37 -8.56 -12.14
C LYS A 29 -2.59 -9.62 -11.35
N PRO A 30 -2.95 -10.91 -11.50
CA PRO A 30 -2.27 -12.00 -10.80
C PRO A 30 -0.78 -12.08 -11.13
N ARG A 31 0.01 -12.57 -10.18
CA ARG A 31 1.45 -12.70 -10.37
C ARG A 31 1.76 -13.74 -11.44
N ALA A 32 2.03 -13.28 -12.66
CA ALA A 32 2.34 -14.16 -13.76
C ALA A 32 3.62 -13.74 -14.46
N GLY A 33 4.73 -14.38 -14.10
CA GLY A 33 6.01 -14.06 -14.70
C GLY A 33 7.10 -13.86 -13.66
N GLY A 34 7.05 -14.66 -12.60
CA GLY A 34 8.05 -14.56 -11.54
C GLY A 34 9.38 -15.16 -11.95
N ASP A 35 10.45 -14.68 -11.33
CA ASP A 35 11.80 -15.17 -11.63
C ASP A 35 12.78 -14.76 -10.52
N ALA A 1 6.68 13.77 -15.64
CA ALA A 1 6.42 14.39 -14.31
C ALA A 1 6.93 13.49 -13.18
N PHE A 2 8.02 13.91 -12.55
CA PHE A 2 8.62 13.15 -11.46
C PHE A 2 8.36 13.83 -10.11
N ARG A 3 7.39 14.75 -10.11
CA ARG A 3 7.03 15.46 -8.88
C ARG A 3 6.09 14.63 -8.02
N GLN A 4 5.20 13.88 -8.67
CA GLN A 4 4.25 13.03 -7.97
C GLN A 4 4.95 11.85 -7.30
N ALA A 5 6.14 11.53 -7.79
CA ALA A 5 6.92 10.42 -7.24
C ALA A 5 7.45 10.76 -5.86
N LEU A 6 7.52 12.04 -5.56
CA LEU A 6 8.02 12.51 -4.27
C LEU A 6 6.92 12.43 -3.21
N GLN A 7 5.68 12.69 -3.63
CA GLN A 7 4.55 12.65 -2.71
C GLN A 7 4.03 11.22 -2.56
N LEU A 8 4.28 10.40 -3.57
CA LEU A 8 3.84 9.01 -3.56
C LEU A 8 4.80 8.13 -2.76
N ALA A 9 6.10 8.31 -3.01
CA ALA A 9 7.12 7.54 -2.30
C ALA A 9 7.10 7.81 -0.81
N ALA A 10 6.80 9.05 -0.44
CA ALA A 10 6.75 9.43 0.96
C ALA A 10 5.51 8.84 1.65
N CYS A 11 4.37 8.94 0.99
CA CYS A 11 3.13 8.40 1.53
C CYS A 11 3.17 6.87 1.61
N GLY A 12 3.99 6.28 0.74
CA GLY A 12 4.12 4.83 0.72
C GLY A 12 5.03 4.32 1.82
N LEU A 13 6.08 5.09 2.12
CA LEU A 13 7.02 4.72 3.18
C LEU A 13 6.29 4.60 4.51
N ALA A 14 5.07 5.11 4.54
CA ALA A 14 4.24 5.07 5.73
C ALA A 14 3.96 3.63 6.16
N GLY A 15 3.62 2.79 5.19
CA GLY A 15 3.34 1.40 5.48
C GLY A 15 1.86 1.08 5.37
N LEU A 16 1.02 2.06 5.69
CA LEU A 16 -0.42 1.89 5.64
C LEU A 16 -0.94 2.06 4.21
N SER A 17 -0.50 3.12 3.55
CA SER A 17 -0.92 3.40 2.18
C SER A 17 -0.36 2.36 1.21
N ALA A 18 0.92 2.03 1.37
CA ALA A 18 1.57 1.04 0.52
C ALA A 18 0.92 -0.33 0.65
N ALA A 19 0.41 -0.62 1.86
CA ALA A 19 -0.24 -1.89 2.11
C ALA A 19 -1.51 -2.05 1.29
N VAL A 20 -2.14 -0.92 0.96
CA VAL A 20 -3.36 -0.92 0.16
C VAL A 20 -3.04 -1.07 -1.33
N LEU A 21 -1.85 -0.65 -1.72
CA LEU A 21 -1.43 -0.73 -3.11
C LEU A 21 -1.02 -2.15 -3.47
N PHE A 22 -0.13 -2.73 -2.67
CA PHE A 22 0.36 -4.08 -2.90
C PHE A 22 -0.79 -5.09 -2.93
N SER A 23 -1.89 -4.74 -2.26
CA SER A 23 -3.05 -5.62 -2.20
C SER A 23 -3.85 -5.57 -3.51
N ALA A 24 -3.82 -4.42 -4.17
CA ALA A 24 -4.54 -4.24 -5.42
C ALA A 24 -3.72 -4.72 -6.62
N VAL A 25 -2.42 -4.53 -6.55
CA VAL A 25 -1.51 -4.94 -7.63
C VAL A 25 -1.42 -6.46 -7.72
N ALA A 26 -1.65 -7.14 -6.60
CA ALA A 26 -1.59 -8.59 -6.57
C ALA A 26 -2.91 -9.22 -7.00
N VAL A 27 -4.02 -8.69 -6.47
CA VAL A 27 -5.33 -9.22 -6.80
C VAL A 27 -5.64 -9.03 -8.28
N GLY A 28 -5.05 -8.00 -8.87
CA GLY A 28 -5.25 -7.74 -10.29
C GLY A 28 -4.38 -8.60 -11.17
N LYS A 29 -3.05 -8.47 -10.98
CA LYS A 29 -2.10 -9.24 -11.76
C LYS A 29 -1.23 -10.12 -10.86
N PRO A 30 -1.44 -11.45 -10.89
CA PRO A 30 -0.67 -12.39 -10.08
C PRO A 30 0.69 -12.71 -10.70
N ARG A 31 1.69 -12.89 -9.85
CA ARG A 31 3.04 -13.19 -10.33
C ARG A 31 3.07 -14.52 -11.08
N ALA A 32 2.96 -14.45 -12.40
CA ALA A 32 2.98 -15.65 -13.24
C ALA A 32 4.21 -15.67 -14.13
N GLY A 33 5.36 -15.98 -13.53
CA GLY A 33 6.59 -16.03 -14.28
C GLY A 33 7.81 -16.13 -13.38
N GLY A 34 7.69 -15.56 -12.18
CA GLY A 34 8.80 -15.61 -11.23
C GLY A 34 8.34 -16.03 -9.83
N ASP A 35 8.79 -17.21 -9.41
CA ASP A 35 8.44 -17.75 -8.10
C ASP A 35 6.93 -17.86 -7.94
N ALA A 1 -13.63 23.53 7.08
CA ALA A 1 -14.39 22.34 7.54
C ALA A 1 -13.65 21.06 7.19
N PHE A 2 -12.88 21.10 6.10
CA PHE A 2 -12.12 19.94 5.66
C PHE A 2 -10.67 20.04 6.10
N ARG A 3 -10.41 20.92 7.07
CA ARG A 3 -9.07 21.12 7.59
C ARG A 3 -8.68 19.99 8.53
N GLN A 4 -9.57 19.66 9.46
CA GLN A 4 -9.33 18.59 10.42
C GLN A 4 -9.15 17.25 9.72
N ALA A 5 -9.83 17.10 8.59
CA ALA A 5 -9.75 15.85 7.82
C ALA A 5 -8.37 15.66 7.21
N LEU A 6 -7.59 16.73 7.13
CA LEU A 6 -6.25 16.68 6.57
C LEU A 6 -5.26 16.09 7.57
N GLN A 7 -5.53 16.30 8.85
CA GLN A 7 -4.65 15.80 9.91
C GLN A 7 -4.99 14.35 10.27
N LEU A 8 -6.27 14.00 10.18
CA LEU A 8 -6.72 12.65 10.50
C LEU A 8 -6.43 11.68 9.36
N ALA A 9 -6.76 12.10 8.14
CA ALA A 9 -6.54 11.27 6.97
C ALA A 9 -5.06 11.05 6.69
N ALA A 10 -4.25 12.02 7.11
CA ALA A 10 -2.81 11.95 6.92
C ALA A 10 -2.19 10.88 7.80
N CYS A 11 -2.92 10.46 8.83
CA CYS A 11 -2.43 9.43 9.75
C CYS A 11 -2.23 8.11 9.03
N GLY A 12 -3.12 7.81 8.09
CA GLY A 12 -3.03 6.57 7.34
C GLY A 12 -2.06 6.67 6.18
N LEU A 13 -2.00 7.85 5.57
CA LEU A 13 -1.09 8.08 4.45
C LEU A 13 0.36 7.99 4.90
N ALA A 14 0.54 7.91 6.23
CA ALA A 14 1.87 7.83 6.82
C ALA A 14 2.70 6.71 6.19
N GLY A 15 2.08 5.54 6.03
CA GLY A 15 2.78 4.42 5.43
C GLY A 15 1.85 3.25 5.13
N LEU A 16 0.73 3.19 5.84
CA LEU A 16 -0.24 2.11 5.65
C LEU A 16 -0.90 2.21 4.27
N SER A 17 -0.79 3.39 3.66
CA SER A 17 -1.37 3.62 2.34
C SER A 17 -0.66 2.77 1.29
N ALA A 18 0.63 2.53 1.50
CA ALA A 18 1.42 1.75 0.56
C ALA A 18 1.02 0.27 0.62
N ALA A 19 0.63 -0.19 1.80
CA ALA A 19 0.22 -1.57 1.99
C ALA A 19 -1.07 -1.88 1.22
N VAL A 20 -1.93 -0.87 1.10
CA VAL A 20 -3.19 -1.04 0.38
C VAL A 20 -2.95 -1.23 -1.11
N LEU A 21 -1.87 -0.67 -1.62
CA LEU A 21 -1.52 -0.78 -3.03
C LEU A 21 -1.07 -2.19 -3.36
N PHE A 22 -0.29 -2.79 -2.47
CA PHE A 22 0.22 -4.14 -2.67
C PHE A 22 -0.92 -5.12 -2.91
N SER A 23 -2.11 -4.78 -2.43
CA SER A 23 -3.28 -5.64 -2.60
C SER A 23 -3.89 -5.47 -3.99
N ALA A 24 -3.89 -4.24 -4.50
CA ALA A 24 -4.44 -3.94 -5.81
C ALA A 24 -3.52 -4.45 -6.91
N VAL A 25 -2.22 -4.52 -6.62
CA VAL A 25 -1.25 -4.98 -7.59
C VAL A 25 -1.35 -6.49 -7.79
N ALA A 26 -1.88 -7.18 -6.79
CA ALA A 26 -2.04 -8.64 -6.86
C ALA A 26 -3.38 -9.03 -7.48
N VAL A 27 -4.43 -8.31 -7.09
CA VAL A 27 -5.76 -8.58 -7.61
C VAL A 27 -5.83 -8.37 -9.11
N GLY A 28 -4.99 -7.46 -9.61
CA GLY A 28 -4.96 -7.19 -11.04
C GLY A 28 -4.06 -8.14 -11.80
N LYS A 29 -2.80 -8.21 -11.38
CA LYS A 29 -1.84 -9.11 -12.02
C LYS A 29 -1.28 -10.12 -11.02
N PRO A 30 -1.69 -11.40 -11.12
CA PRO A 30 -1.22 -12.46 -10.22
C PRO A 30 0.20 -12.89 -10.57
N ARG A 31 0.84 -13.61 -9.65
CA ARG A 31 2.19 -14.08 -9.86
C ARG A 31 2.25 -15.02 -11.06
N ALA A 32 2.64 -14.48 -12.21
CA ALA A 32 2.75 -15.27 -13.42
C ALA A 32 3.64 -16.47 -13.21
N GLY A 33 3.57 -17.44 -14.12
CA GLY A 33 4.39 -18.63 -14.00
C GLY A 33 5.63 -18.51 -14.82
N GLY A 34 6.23 -17.33 -14.77
CA GLY A 34 7.42 -17.06 -15.53
C GLY A 34 8.29 -15.99 -14.90
N ASP A 35 7.85 -14.74 -15.03
CA ASP A 35 8.59 -13.61 -14.46
C ASP A 35 7.64 -12.49 -14.05
N ALA A 1 14.20 9.10 26.88
CA ALA A 1 13.18 9.92 26.18
C ALA A 1 12.51 9.11 25.07
N PHE A 2 11.56 8.26 25.46
CA PHE A 2 10.84 7.43 24.51
C PHE A 2 9.56 8.11 24.04
N ARG A 3 9.27 9.28 24.61
CA ARG A 3 8.07 10.03 24.25
C ARG A 3 8.16 10.54 22.81
N GLN A 4 9.34 11.03 22.43
CA GLN A 4 9.55 11.55 21.08
C GLN A 4 9.76 10.41 20.10
N ALA A 5 10.13 9.24 20.62
CA ALA A 5 10.37 8.07 19.78
C ALA A 5 9.06 7.56 19.17
N LEU A 6 7.95 7.85 19.83
CA LEU A 6 6.65 7.43 19.34
C LEU A 6 6.22 8.24 18.13
N GLN A 7 6.62 9.50 18.09
CA GLN A 7 6.30 10.39 16.98
C GLN A 7 7.29 10.24 15.83
N LEU A 8 8.56 10.05 16.18
CA LEU A 8 9.61 9.87 15.18
C LEU A 8 9.43 8.57 14.41
N ALA A 9 9.13 7.49 15.13
CA ALA A 9 8.94 6.19 14.51
C ALA A 9 7.62 6.12 13.76
N ALA A 10 6.70 7.02 14.10
CA ALA A 10 5.40 7.06 13.45
C ALA A 10 5.48 7.73 12.09
N CYS A 11 6.60 8.41 11.83
CA CYS A 11 6.80 9.09 10.56
C CYS A 11 6.89 8.09 9.41
N GLY A 12 7.37 6.89 9.71
CA GLY A 12 7.49 5.87 8.68
C GLY A 12 6.20 5.10 8.47
N LEU A 13 5.43 4.94 9.54
CA LEU A 13 4.16 4.24 9.46
C LEU A 13 3.19 5.01 8.58
N ALA A 14 3.57 6.24 8.26
CA ALA A 14 2.76 7.10 7.41
C ALA A 14 2.53 6.49 6.04
N GLY A 15 3.33 5.48 5.71
CA GLY A 15 3.20 4.83 4.42
C GLY A 15 2.19 3.69 4.44
N LEU A 16 1.16 3.83 5.27
CA LEU A 16 0.11 2.81 5.36
C LEU A 16 -0.67 2.72 4.06
N SER A 17 -0.53 3.73 3.22
CA SER A 17 -1.22 3.75 1.93
C SER A 17 -0.59 2.76 0.97
N ALA A 18 0.71 2.53 1.11
CA ALA A 18 1.43 1.59 0.26
C ALA A 18 1.00 0.17 0.56
N ALA A 19 0.69 -0.09 1.83
CA ALA A 19 0.25 -1.42 2.25
C ALA A 19 -1.04 -1.81 1.55
N VAL A 20 -1.81 -0.82 1.14
CA VAL A 20 -3.07 -1.04 0.45
C VAL A 20 -2.83 -1.32 -1.04
N LEU A 21 -1.83 -0.65 -1.60
CA LEU A 21 -1.49 -0.81 -3.01
C LEU A 21 -1.05 -2.25 -3.30
N PHE A 22 -0.39 -2.87 -2.32
CA PHE A 22 0.08 -4.24 -2.47
C PHE A 22 -1.06 -5.16 -2.93
N SER A 23 -2.25 -4.93 -2.39
CA SER A 23 -3.41 -5.74 -2.74
C SER A 23 -3.94 -5.37 -4.13
N ALA A 24 -3.89 -4.08 -4.46
CA ALA A 24 -4.37 -3.60 -5.74
C ALA A 24 -3.55 -4.16 -6.88
N VAL A 25 -2.24 -4.30 -6.65
CA VAL A 25 -1.34 -4.83 -7.66
C VAL A 25 -1.61 -6.30 -7.92
N ALA A 26 -2.28 -6.96 -6.98
CA ALA A 26 -2.61 -8.37 -7.11
C ALA A 26 -3.98 -8.58 -7.74
N VAL A 27 -4.96 -7.80 -7.29
CA VAL A 27 -6.32 -7.91 -7.84
C VAL A 27 -6.32 -7.63 -9.33
N GLY A 28 -5.38 -6.80 -9.77
CA GLY A 28 -5.28 -6.48 -11.19
C GLY A 28 -4.67 -7.63 -11.96
N LYS A 29 -3.41 -7.92 -11.68
CA LYS A 29 -2.70 -9.00 -12.35
C LYS A 29 -2.23 -10.03 -11.31
N PRO A 30 -2.88 -11.22 -11.26
CA PRO A 30 -2.50 -12.27 -10.32
C PRO A 30 -1.17 -12.93 -10.70
N ARG A 31 -0.47 -13.42 -9.68
CA ARG A 31 0.82 -14.08 -9.92
C ARG A 31 0.61 -15.49 -10.46
N ALA A 32 0.20 -15.56 -11.73
CA ALA A 32 -0.04 -16.85 -12.38
C ALA A 32 1.26 -17.49 -12.82
N GLY A 33 1.95 -18.14 -11.88
CA GLY A 33 3.21 -18.79 -12.20
C GLY A 33 4.27 -18.55 -11.13
N GLY A 34 3.82 -18.17 -9.93
CA GLY A 34 4.74 -17.92 -8.85
C GLY A 34 4.82 -19.08 -7.86
N ASP A 35 4.42 -20.26 -8.32
CA ASP A 35 4.44 -21.45 -7.48
C ASP A 35 5.83 -22.07 -7.47
N ALA A 1 -14.20 4.70 26.16
CA ALA A 1 -13.02 3.99 26.73
C ALA A 1 -12.29 3.20 25.65
N PHE A 2 -13.05 2.49 24.83
CA PHE A 2 -12.47 1.68 23.76
C PHE A 2 -12.05 2.58 22.58
N ARG A 3 -12.58 3.79 22.55
CA ARG A 3 -12.25 4.74 21.49
C ARG A 3 -10.76 5.00 21.43
N GLN A 4 -10.11 5.00 22.59
CA GLN A 4 -8.68 5.23 22.68
C GLN A 4 -7.90 4.07 22.08
N ALA A 5 -8.54 2.90 22.03
CA ALA A 5 -7.91 1.71 21.49
C ALA A 5 -7.83 1.77 19.96
N LEU A 6 -8.94 2.14 19.33
CA LEU A 6 -9.01 2.25 17.88
C LEU A 6 -7.99 3.26 17.36
N GLN A 7 -7.69 4.27 18.17
CA GLN A 7 -6.74 5.30 17.78
C GLN A 7 -5.30 4.89 18.07
N LEU A 8 -5.09 4.28 19.24
CA LEU A 8 -3.76 3.83 19.64
C LEU A 8 -3.23 2.78 18.68
N ALA A 9 -4.01 1.72 18.47
CA ALA A 9 -3.62 0.63 17.58
C ALA A 9 -3.48 1.11 16.15
N ALA A 10 -4.16 2.22 15.82
CA ALA A 10 -4.11 2.78 14.48
C ALA A 10 -2.93 3.72 14.31
N CYS A 11 -2.27 4.05 15.42
CA CYS A 11 -1.12 4.95 15.39
C CYS A 11 -0.06 4.42 14.44
N GLY A 12 0.10 3.10 14.41
CA GLY A 12 1.09 2.49 13.54
C GLY A 12 0.48 2.05 12.22
N LEU A 13 -0.77 1.62 12.27
CA LEU A 13 -1.48 1.19 11.07
C LEU A 13 -1.76 2.38 10.17
N ALA A 14 -1.47 3.57 10.70
CA ALA A 14 -1.67 4.82 9.96
C ALA A 14 -1.13 4.74 8.54
N GLY A 15 -0.03 4.01 8.36
CA GLY A 15 0.57 3.89 7.05
C GLY A 15 0.03 2.69 6.27
N LEU A 16 -1.28 2.44 6.40
CA LEU A 16 -1.91 1.32 5.72
C LEU A 16 -1.98 1.56 4.21
N SER A 17 -1.96 2.84 3.82
CA SER A 17 -2.03 3.21 2.41
C SER A 17 -1.02 2.43 1.58
N ALA A 18 0.22 2.38 2.06
CA ALA A 18 1.28 1.67 1.37
C ALA A 18 0.94 0.20 1.17
N ALA A 19 0.19 -0.36 2.11
CA ALA A 19 -0.21 -1.76 2.05
C ALA A 19 -1.38 -1.97 1.09
N VAL A 20 -2.23 -0.96 0.98
CA VAL A 20 -3.39 -1.05 0.09
C VAL A 20 -2.96 -1.23 -1.37
N LEU A 21 -1.83 -0.63 -1.73
CA LEU A 21 -1.31 -0.74 -3.09
C LEU A 21 -0.93 -2.18 -3.42
N PHE A 22 -0.18 -2.81 -2.51
CA PHE A 22 0.26 -4.18 -2.71
C PHE A 22 -0.93 -5.14 -2.75
N SER A 23 -2.03 -4.75 -2.10
CA SER A 23 -3.23 -5.57 -2.05
C SER A 23 -4.07 -5.39 -3.32
N ALA A 24 -4.05 -4.18 -3.87
CA ALA A 24 -4.82 -3.87 -5.07
C ALA A 24 -4.23 -4.58 -6.29
N VAL A 25 -2.91 -4.64 -6.34
CA VAL A 25 -2.23 -5.29 -7.47
C VAL A 25 -2.52 -6.79 -7.51
N ALA A 26 -2.91 -7.34 -6.36
CA ALA A 26 -3.21 -8.76 -6.27
C ALA A 26 -4.69 -9.04 -6.51
N VAL A 27 -5.57 -8.22 -5.90
CA VAL A 27 -7.00 -8.40 -6.05
C VAL A 27 -7.40 -8.31 -7.52
N GLY A 28 -6.64 -7.54 -8.29
CA GLY A 28 -6.93 -7.39 -9.70
C GLY A 28 -6.30 -8.50 -10.52
N LYS A 29 -4.98 -8.61 -10.45
CA LYS A 29 -4.26 -9.65 -11.19
C LYS A 29 -3.49 -10.56 -10.24
N PRO A 30 -3.95 -11.83 -10.08
CA PRO A 30 -3.29 -12.80 -9.19
C PRO A 30 -1.85 -13.06 -9.59
N ARG A 31 -1.02 -13.40 -8.61
CA ARG A 31 0.39 -13.68 -8.86
C ARG A 31 0.56 -14.97 -9.66
N ALA A 32 0.57 -14.84 -10.98
CA ALA A 32 0.73 -15.99 -11.86
C ALA A 32 2.16 -16.10 -12.36
N GLY A 33 3.00 -16.83 -11.63
CA GLY A 33 4.38 -17.00 -12.02
C GLY A 33 5.27 -17.37 -10.85
N GLY A 34 4.69 -17.37 -9.65
CA GLY A 34 5.45 -17.71 -8.46
C GLY A 34 4.71 -18.68 -7.56
N ASP A 35 5.14 -19.94 -7.57
CA ASP A 35 4.52 -20.97 -6.75
C ASP A 35 3.03 -21.09 -7.06
N ALA A 1 -3.38 3.47 28.48
CA ALA A 1 -2.92 4.80 27.99
C ALA A 1 -2.97 4.88 26.46
N PHE A 2 -3.67 5.90 25.96
CA PHE A 2 -3.81 6.09 24.52
C PHE A 2 -2.70 6.98 23.99
N ARG A 3 -2.05 7.71 24.89
CA ARG A 3 -0.96 8.61 24.51
C ARG A 3 0.22 7.83 23.96
N GLN A 4 0.47 6.66 24.56
CA GLN A 4 1.60 5.81 24.14
C GLN A 4 1.31 5.21 22.76
N ALA A 5 0.04 4.91 22.49
CA ALA A 5 -0.36 4.34 21.21
C ALA A 5 -0.07 5.29 20.06
N LEU A 6 0.01 6.58 20.37
CA LEU A 6 0.29 7.58 19.36
C LEU A 6 1.72 7.48 18.85
N GLN A 7 2.59 6.90 19.68
CA GLN A 7 4.00 6.73 19.32
C GLN A 7 4.20 5.45 18.50
N LEU A 8 3.62 4.36 18.96
CA LEU A 8 3.73 3.07 18.28
C LEU A 8 3.06 3.12 16.90
N ALA A 9 1.81 3.57 16.89
CA ALA A 9 1.05 3.66 15.64
C ALA A 9 1.69 4.65 14.66
N ALA A 10 2.45 5.59 15.20
CA ALA A 10 3.11 6.60 14.37
C ALA A 10 4.00 5.96 13.32
N CYS A 11 4.67 4.87 13.68
CA CYS A 11 5.56 4.18 12.75
C CYS A 11 4.77 3.55 11.61
N GLY A 12 3.51 3.26 11.85
CA GLY A 12 2.66 2.65 10.83
C GLY A 12 2.08 3.68 9.88
N LEU A 13 1.69 4.83 10.41
CA LEU A 13 1.12 5.90 9.60
C LEU A 13 2.15 6.42 8.61
N ALA A 14 3.40 5.97 8.78
CA ALA A 14 4.49 6.38 7.91
C ALA A 14 4.13 6.20 6.44
N GLY A 15 3.32 5.18 6.16
CA GLY A 15 2.90 4.92 4.79
C GLY A 15 2.04 3.68 4.67
N LEU A 16 1.08 3.54 5.58
CA LEU A 16 0.18 2.40 5.57
C LEU A 16 -0.64 2.36 4.28
N SER A 17 -0.80 3.53 3.66
CA SER A 17 -1.56 3.64 2.42
C SER A 17 -0.90 2.84 1.30
N ALA A 18 0.43 2.92 1.23
CA ALA A 18 1.18 2.20 0.21
C ALA A 18 1.02 0.70 0.36
N ALA A 19 0.88 0.25 1.61
CA ALA A 19 0.70 -1.17 1.90
C ALA A 19 -0.59 -1.70 1.29
N VAL A 20 -1.57 -0.81 1.14
CA VAL A 20 -2.86 -1.18 0.56
C VAL A 20 -2.73 -1.37 -0.95
N LEU A 21 -1.81 -0.62 -1.56
CA LEU A 21 -1.60 -0.70 -3.00
C LEU A 21 -0.99 -2.04 -3.38
N PHE A 22 -0.35 -2.70 -2.42
CA PHE A 22 0.27 -4.00 -2.66
C PHE A 22 -0.71 -4.98 -3.31
N SER A 23 -1.85 -5.18 -2.66
CA SER A 23 -2.86 -6.10 -3.17
C SER A 23 -3.48 -5.58 -4.47
N ALA A 24 -3.38 -4.28 -4.70
CA ALA A 24 -3.94 -3.66 -5.90
C ALA A 24 -3.04 -3.87 -7.12
N VAL A 25 -1.73 -3.88 -6.89
CA VAL A 25 -0.77 -4.05 -7.97
C VAL A 25 -0.74 -5.49 -8.45
N ALA A 26 -1.09 -6.42 -7.56
CA ALA A 26 -1.10 -7.84 -7.90
C ALA A 26 -2.44 -8.25 -8.49
N VAL A 27 -3.53 -7.76 -7.91
CA VAL A 27 -4.87 -8.09 -8.39
C VAL A 27 -5.08 -7.57 -9.81
N GLY A 28 -4.40 -6.48 -10.14
CA GLY A 28 -4.52 -5.90 -11.46
C GLY A 28 -3.58 -6.56 -12.46
N LYS A 29 -2.29 -6.49 -12.19
CA LYS A 29 -1.29 -7.09 -13.07
C LYS A 29 -0.48 -8.17 -12.34
N PRO A 30 -0.71 -9.45 -12.67
CA PRO A 30 0.01 -10.56 -12.04
C PRO A 30 1.51 -10.53 -12.34
N ARG A 31 2.31 -11.05 -11.42
CA ARG A 31 3.76 -11.08 -11.59
C ARG A 31 4.15 -11.99 -12.75
N ALA A 32 4.38 -11.39 -13.91
CA ALA A 32 4.76 -12.15 -15.10
C ALA A 32 6.06 -11.61 -15.69
N GLY A 33 7.18 -12.03 -15.11
CA GLY A 33 8.47 -11.58 -15.59
C GLY A 33 9.32 -10.95 -14.50
N GLY A 34 9.17 -11.45 -13.28
CA GLY A 34 9.92 -10.91 -12.15
C GLY A 34 11.00 -11.87 -11.67
N ASP A 35 11.46 -12.75 -12.56
CA ASP A 35 12.48 -13.72 -12.22
C ASP A 35 13.71 -13.56 -13.12
N ALA A 1 -8.90 22.37 17.42
CA ALA A 1 -8.12 21.39 18.24
C ALA A 1 -8.13 20.02 17.57
N PHE A 2 -8.76 19.93 16.40
CA PHE A 2 -8.83 18.67 15.66
C PHE A 2 -7.75 18.61 14.59
N ARG A 3 -7.08 19.74 14.37
CA ARG A 3 -6.02 19.82 13.37
C ARG A 3 -4.89 18.82 13.69
N GLN A 4 -4.50 18.78 14.95
CA GLN A 4 -3.42 17.88 15.38
C GLN A 4 -3.82 16.42 15.20
N ALA A 5 -5.13 16.15 15.33
CA ALA A 5 -5.64 14.79 15.19
C ALA A 5 -5.58 14.33 13.73
N LEU A 6 -5.58 15.29 12.82
CA LEU A 6 -5.52 14.98 11.39
C LEU A 6 -4.09 14.68 10.96
N GLN A 7 -3.13 15.28 11.67
CA GLN A 7 -1.71 15.08 11.36
C GLN A 7 -1.18 13.82 12.02
N LEU A 8 -1.59 13.61 13.28
CA LEU A 8 -1.15 12.43 14.04
C LEU A 8 -1.70 11.15 13.42
N ALA A 9 -3.00 11.15 13.14
CA ALA A 9 -3.65 9.99 12.55
C ALA A 9 -3.07 9.67 11.18
N ALA A 10 -2.94 10.70 10.35
CA ALA A 10 -2.40 10.54 9.00
C ALA A 10 -0.92 10.13 9.03
N CYS A 11 -0.28 10.38 10.17
CA CYS A 11 1.14 10.04 10.32
C CYS A 11 1.36 8.54 10.17
N GLY A 12 0.38 7.76 10.60
CA GLY A 12 0.50 6.31 10.50
C GLY A 12 0.12 5.81 9.12
N LEU A 13 -0.84 6.45 8.48
CA LEU A 13 -1.26 6.05 7.15
C LEU A 13 -0.12 6.25 6.15
N ALA A 14 0.94 6.90 6.61
CA ALA A 14 2.10 7.16 5.78
C ALA A 14 2.70 5.85 5.26
N GLY A 15 2.43 4.76 5.97
CA GLY A 15 2.95 3.47 5.56
C GLY A 15 1.84 2.47 5.24
N LEU A 16 0.78 2.51 6.04
CA LEU A 16 -0.36 1.61 5.83
C LEU A 16 -0.99 1.82 4.47
N SER A 17 -0.92 3.05 3.96
CA SER A 17 -1.47 3.37 2.65
C SER A 17 -0.77 2.59 1.55
N ALA A 18 0.55 2.44 1.70
CA ALA A 18 1.34 1.71 0.72
C ALA A 18 0.93 0.25 0.68
N ALA A 19 0.52 -0.28 1.82
CA ALA A 19 0.08 -1.67 1.91
C ALA A 19 -1.17 -1.91 1.08
N VAL A 20 -2.02 -0.89 1.02
CA VAL A 20 -3.26 -0.98 0.26
C VAL A 20 -2.97 -1.22 -1.23
N LEU A 21 -1.88 -0.63 -1.70
CA LEU A 21 -1.48 -0.78 -3.10
C LEU A 21 -1.06 -2.21 -3.40
N PHE A 22 -0.29 -2.79 -2.47
CA PHE A 22 0.21 -4.15 -2.62
C PHE A 22 -0.95 -5.13 -2.86
N SER A 23 -2.10 -4.83 -2.28
CA SER A 23 -3.27 -5.69 -2.40
C SER A 23 -4.02 -5.42 -3.71
N ALA A 24 -3.90 -4.19 -4.22
CA ALA A 24 -4.57 -3.82 -5.46
C ALA A 24 -3.75 -4.20 -6.69
N VAL A 25 -2.48 -4.52 -6.48
CA VAL A 25 -1.60 -4.90 -7.57
C VAL A 25 -1.61 -6.40 -7.80
N ALA A 26 -1.60 -7.16 -6.71
CA ALA A 26 -1.61 -8.62 -6.82
C ALA A 26 -2.94 -9.08 -7.41
N VAL A 27 -4.04 -8.51 -6.91
CA VAL A 27 -5.37 -8.86 -7.41
C VAL A 27 -5.59 -8.19 -8.75
N GLY A 28 -4.92 -7.05 -8.93
CA GLY A 28 -4.99 -6.31 -10.17
C GLY A 28 -3.64 -6.29 -10.85
N LYS A 29 -3.24 -7.45 -11.37
CA LYS A 29 -1.95 -7.61 -12.02
C LYS A 29 -1.64 -6.44 -12.96
N PRO A 30 -0.37 -6.00 -12.99
CA PRO A 30 0.07 -4.88 -13.82
C PRO A 30 0.40 -5.32 -15.24
N ARG A 31 0.39 -4.36 -16.16
CA ARG A 31 0.69 -4.65 -17.56
C ARG A 31 2.11 -5.15 -17.72
N ALA A 32 2.25 -6.48 -17.84
CA ALA A 32 3.56 -7.10 -18.00
C ALA A 32 3.55 -8.11 -19.14
N GLY A 33 4.22 -7.76 -20.23
CA GLY A 33 4.28 -8.64 -21.38
C GLY A 33 4.59 -7.89 -22.67
N GLY A 34 3.89 -6.79 -22.90
CA GLY A 34 4.11 -5.99 -24.09
C GLY A 34 3.09 -6.28 -25.17
N ASP A 35 1.92 -6.76 -24.77
CA ASP A 35 0.86 -7.09 -25.71
C ASP A 35 -0.32 -6.13 -25.54
N ALA A 1 15.52 3.29 -14.52
CA ALA A 1 14.07 3.02 -14.40
C ALA A 1 13.67 2.82 -12.94
N PHE A 2 14.50 3.33 -12.04
CA PHE A 2 14.23 3.21 -10.60
C PHE A 2 13.56 4.47 -10.07
N ARG A 3 13.04 5.29 -10.99
CA ARG A 3 12.37 6.53 -10.61
C ARG A 3 11.12 6.23 -9.77
N GLN A 4 10.50 5.09 -10.05
CA GLN A 4 9.29 4.69 -9.34
C GLN A 4 9.65 4.00 -8.03
N ALA A 5 10.86 3.45 -7.97
CA ALA A 5 11.34 2.77 -6.77
C ALA A 5 11.56 3.76 -5.64
N LEU A 6 11.73 5.03 -5.99
CA LEU A 6 11.95 6.08 -5.00
C LEU A 6 10.64 6.50 -4.36
N GLN A 7 9.57 6.53 -5.16
CA GLN A 7 8.26 6.92 -4.68
C GLN A 7 7.55 5.72 -4.04
N LEU A 8 7.95 4.52 -4.43
CA LEU A 8 7.36 3.30 -3.90
C LEU A 8 8.00 2.92 -2.57
N ALA A 9 9.31 3.09 -2.47
CA ALA A 9 10.04 2.77 -1.25
C ALA A 9 9.65 3.69 -0.11
N ALA A 10 9.55 4.99 -0.40
CA ALA A 10 9.19 5.96 0.61
C ALA A 10 7.76 5.75 1.10
N CYS A 11 6.82 5.69 0.16
CA CYS A 11 5.41 5.49 0.50
C CYS A 11 5.18 4.08 1.01
N GLY A 12 6.11 3.18 0.70
CA GLY A 12 5.99 1.79 1.15
C GLY A 12 6.43 1.62 2.59
N LEU A 13 7.41 2.41 3.01
CA LEU A 13 7.89 2.34 4.38
C LEU A 13 6.79 2.72 5.35
N ALA A 14 5.69 3.21 4.80
CA ALA A 14 4.53 3.62 5.59
C ALA A 14 3.86 2.40 6.23
N GLY A 15 3.76 1.32 5.47
CA GLY A 15 3.14 0.10 5.99
C GLY A 15 1.64 0.09 5.78
N LEU A 16 1.01 1.25 5.96
CA LEU A 16 -0.44 1.37 5.80
C LEU A 16 -0.82 1.53 4.33
N SER A 17 -0.24 2.53 3.69
CA SER A 17 -0.52 2.80 2.28
C SER A 17 -0.13 1.62 1.41
N ALA A 18 1.04 1.06 1.68
CA ALA A 18 1.54 -0.09 0.92
C ALA A 18 0.58 -1.27 1.01
N ALA A 19 -0.10 -1.39 2.14
CA ALA A 19 -1.06 -2.47 2.34
C ALA A 19 -2.25 -2.34 1.40
N VAL A 20 -2.54 -1.11 1.00
CA VAL A 20 -3.65 -0.84 0.09
C VAL A 20 -3.25 -1.03 -1.37
N LEU A 21 -2.01 -0.69 -1.68
CA LEU A 21 -1.49 -0.81 -3.04
C LEU A 21 -1.12 -2.26 -3.36
N PHE A 22 -0.18 -2.79 -2.60
CA PHE A 22 0.30 -4.16 -2.81
C PHE A 22 -0.87 -5.15 -2.89
N SER A 23 -2.00 -4.77 -2.32
CA SER A 23 -3.19 -5.63 -2.31
C SER A 23 -3.94 -5.55 -3.63
N ALA A 24 -4.05 -4.35 -4.19
CA ALA A 24 -4.76 -4.13 -5.45
C ALA A 24 -3.87 -4.40 -6.66
N VAL A 25 -2.68 -3.78 -6.67
CA VAL A 25 -1.74 -3.93 -7.77
C VAL A 25 -1.47 -5.40 -8.09
N ALA A 26 -1.71 -6.28 -7.12
CA ALA A 26 -1.49 -7.70 -7.31
C ALA A 26 -2.71 -8.38 -7.91
N VAL A 27 -3.90 -8.04 -7.41
CA VAL A 27 -5.14 -8.62 -7.90
C VAL A 27 -5.36 -8.27 -9.37
N GLY A 28 -4.84 -7.10 -9.78
CA GLY A 28 -4.99 -6.67 -11.16
C GLY A 28 -3.90 -7.21 -12.05
N LYS A 29 -2.64 -6.91 -11.71
CA LYS A 29 -1.50 -7.36 -12.48
C LYS A 29 -0.57 -8.24 -11.64
N PRO A 30 -0.55 -9.57 -11.92
CA PRO A 30 0.31 -10.51 -11.18
C PRO A 30 1.79 -10.22 -11.40
N ARG A 31 2.63 -10.85 -10.58
CA ARG A 31 4.07 -10.64 -10.68
C ARG A 31 4.59 -11.10 -12.04
N ALA A 32 4.68 -10.16 -12.97
CA ALA A 32 5.16 -10.46 -14.31
C ALA A 32 6.27 -9.50 -14.72
N GLY A 33 7.51 -9.91 -14.49
CA GLY A 33 8.65 -9.07 -14.84
C GLY A 33 9.84 -9.30 -13.91
N GLY A 34 9.55 -9.60 -12.65
CA GLY A 34 10.61 -9.83 -11.69
C GLY A 34 11.48 -8.60 -11.47
N ASP A 35 12.62 -8.57 -12.16
CA ASP A 35 13.55 -7.46 -12.04
C ASP A 35 12.91 -6.16 -12.53
N ALA A 1 -13.07 23.08 6.45
CA ALA A 1 -12.85 21.90 5.57
C ALA A 1 -11.39 21.82 5.12
N PHE A 2 -10.66 22.92 5.29
CA PHE A 2 -9.26 22.97 4.90
C PHE A 2 -8.40 22.15 5.86
N ARG A 3 -8.44 22.53 7.13
CA ARG A 3 -7.67 21.83 8.17
C ARG A 3 -8.14 20.39 8.31
N GLN A 4 -9.39 20.13 7.96
CA GLN A 4 -9.96 18.79 8.06
C GLN A 4 -9.44 17.91 6.92
N ALA A 5 -9.29 18.49 5.74
CA ALA A 5 -8.81 17.74 4.58
C ALA A 5 -7.30 17.59 4.62
N LEU A 6 -6.64 18.43 5.42
CA LEU A 6 -5.20 18.40 5.56
C LEU A 6 -4.77 17.35 6.59
N GLN A 7 -5.49 17.30 7.71
CA GLN A 7 -5.19 16.35 8.77
C GLN A 7 -5.67 14.94 8.40
N LEU A 8 -6.78 14.87 7.68
CA LEU A 8 -7.34 13.59 7.27
C LEU A 8 -6.46 12.92 6.21
N ALA A 9 -6.12 13.68 5.18
CA ALA A 9 -5.28 13.16 4.10
C ALA A 9 -3.88 12.85 4.61
N ALA A 10 -3.51 13.47 5.73
CA ALA A 10 -2.18 13.26 6.32
C ALA A 10 -2.08 11.85 6.92
N CYS A 11 -3.22 11.30 7.31
CA CYS A 11 -3.26 9.96 7.89
C CYS A 11 -2.73 8.93 6.92
N GLY A 12 -2.86 9.21 5.63
CA GLY A 12 -2.37 8.30 4.62
C GLY A 12 -0.87 8.33 4.50
N LEU A 13 -0.27 9.45 4.86
CA LEU A 13 1.18 9.62 4.81
C LEU A 13 1.83 8.69 5.83
N ALA A 14 1.00 8.17 6.74
CA ALA A 14 1.46 7.26 7.78
C ALA A 14 2.22 6.08 7.18
N GLY A 15 1.61 5.42 6.21
CA GLY A 15 2.23 4.26 5.58
C GLY A 15 1.27 3.12 5.34
N LEU A 16 0.04 3.26 5.86
CA LEU A 16 -0.98 2.23 5.71
C LEU A 16 -1.50 2.20 4.27
N SER A 17 -1.57 3.38 3.64
CA SER A 17 -2.04 3.48 2.26
C SER A 17 -1.13 2.71 1.31
N ALA A 18 0.17 2.74 1.60
CA ALA A 18 1.15 2.05 0.78
C ALA A 18 0.94 0.54 0.81
N ALA A 19 0.48 0.04 1.95
CA ALA A 19 0.23 -1.39 2.13
C ALA A 19 -1.00 -1.83 1.35
N VAL A 20 -1.90 -0.88 1.08
CA VAL A 20 -3.12 -1.16 0.35
C VAL A 20 -2.84 -1.36 -1.14
N LEU A 21 -1.87 -0.62 -1.66
CA LEU A 21 -1.49 -0.71 -3.07
C LEU A 21 -1.05 -2.13 -3.41
N PHE A 22 -0.24 -2.72 -2.54
CA PHE A 22 0.25 -4.08 -2.76
C PHE A 22 -0.89 -5.06 -2.98
N SER A 23 -2.04 -4.77 -2.39
CA SER A 23 -3.21 -5.63 -2.54
C SER A 23 -3.89 -5.43 -3.88
N ALA A 24 -3.85 -4.21 -4.39
CA ALA A 24 -4.46 -3.89 -5.67
C ALA A 24 -3.58 -4.36 -6.84
N VAL A 25 -2.29 -4.45 -6.58
CA VAL A 25 -1.34 -4.89 -7.59
C VAL A 25 -1.44 -6.39 -7.85
N ALA A 26 -1.79 -7.15 -6.80
CA ALA A 26 -1.91 -8.59 -6.92
C ALA A 26 -3.28 -8.98 -7.47
N VAL A 27 -4.32 -8.30 -7.00
CA VAL A 27 -5.68 -8.59 -7.46
C VAL A 27 -5.80 -8.30 -8.95
N GLY A 28 -5.00 -7.36 -9.45
CA GLY A 28 -5.03 -7.02 -10.85
C GLY A 28 -4.19 -7.97 -11.68
N LYS A 29 -2.90 -8.06 -11.36
CA LYS A 29 -1.99 -8.94 -12.08
C LYS A 29 -1.37 -9.97 -11.13
N PRO A 30 -1.78 -11.25 -11.24
CA PRO A 30 -1.24 -12.33 -10.39
C PRO A 30 0.23 -12.61 -10.67
N ARG A 31 0.87 -13.34 -9.77
CA ARG A 31 2.29 -13.68 -9.92
C ARG A 31 2.47 -14.83 -10.91
N ALA A 32 2.55 -14.49 -12.20
CA ALA A 32 2.73 -15.49 -13.25
C ALA A 32 4.21 -15.71 -13.55
N GLY A 33 4.52 -16.94 -13.97
CA GLY A 33 5.90 -17.26 -14.29
C GLY A 33 6.19 -18.75 -14.14
N GLY A 34 6.03 -19.26 -12.93
CA GLY A 34 6.28 -20.67 -12.68
C GLY A 34 7.39 -20.89 -11.67
N ASP A 35 7.16 -21.81 -10.73
CA ASP A 35 8.15 -22.12 -9.70
C ASP A 35 8.51 -20.87 -8.90
N ALA A 1 -10.65 18.60 22.30
CA ALA A 1 -10.06 19.10 21.03
C ALA A 1 -8.78 18.32 20.69
N PHE A 2 -7.99 18.01 21.70
CA PHE A 2 -6.75 17.28 21.52
C PHE A 2 -6.96 15.78 21.71
N ARG A 3 -8.12 15.42 22.24
CA ARG A 3 -8.45 14.02 22.48
C ARG A 3 -8.87 13.33 21.19
N GLN A 4 -9.38 14.11 20.25
CA GLN A 4 -9.82 13.57 18.97
C GLN A 4 -8.64 13.39 18.01
N ALA A 5 -7.64 14.26 18.17
CA ALA A 5 -6.44 14.20 17.32
C ALA A 5 -5.67 12.91 17.56
N LEU A 6 -5.91 12.28 18.71
CA LEU A 6 -5.25 11.03 19.04
C LEU A 6 -5.68 9.90 18.13
N GLN A 7 -6.97 9.90 17.77
CA GLN A 7 -7.52 8.87 16.89
C GLN A 7 -7.30 9.22 15.43
N LEU A 8 -7.40 10.51 15.11
CA LEU A 8 -7.21 10.97 13.74
C LEU A 8 -5.79 10.69 13.26
N ALA A 9 -4.81 11.10 14.05
CA ALA A 9 -3.41 10.89 13.70
C ALA A 9 -3.08 9.40 13.63
N ALA A 10 -3.81 8.59 14.38
CA ALA A 10 -3.60 7.15 14.40
C ALA A 10 -4.07 6.51 13.09
N CYS A 11 -4.89 7.24 12.34
CA CYS A 11 -5.41 6.73 11.07
C CYS A 11 -4.33 6.74 10.00
N GLY A 12 -3.57 7.82 9.92
CA GLY A 12 -2.52 7.93 8.94
C GLY A 12 -1.23 7.30 9.41
N LEU A 13 -1.00 7.34 10.72
CA LEU A 13 0.20 6.76 11.30
C LEU A 13 0.15 5.24 11.17
N ALA A 14 -1.02 4.74 10.80
CA ALA A 14 -1.24 3.31 10.63
C ALA A 14 -0.20 2.70 9.70
N GLY A 15 0.02 3.35 8.55
CA GLY A 15 1.00 2.86 7.59
C GLY A 15 0.42 1.82 6.65
N LEU A 16 -0.87 1.56 6.79
CA LEU A 16 -1.54 0.58 5.95
C LEU A 16 -1.83 1.14 4.57
N SER A 17 -1.73 2.46 4.44
CA SER A 17 -1.97 3.13 3.16
C SER A 17 -1.11 2.54 2.06
N ALA A 18 0.10 2.11 2.44
CA ALA A 18 1.03 1.52 1.48
C ALA A 18 0.63 0.08 1.16
N ALA A 19 0.08 -0.60 2.16
CA ALA A 19 -0.36 -1.99 1.98
C ALA A 19 -1.53 -2.08 1.02
N VAL A 20 -2.34 -1.03 0.97
CA VAL A 20 -3.49 -0.99 0.08
C VAL A 20 -3.07 -1.16 -1.37
N LEU A 21 -1.93 -0.57 -1.72
CA LEU A 21 -1.41 -0.67 -3.08
C LEU A 21 -1.05 -2.11 -3.42
N PHE A 22 -0.13 -2.67 -2.64
CA PHE A 22 0.32 -4.05 -2.86
C PHE A 22 -0.86 -5.02 -2.84
N SER A 23 -1.92 -4.64 -2.11
CA SER A 23 -3.11 -5.47 -2.01
C SER A 23 -3.89 -5.47 -3.31
N ALA A 24 -3.83 -4.37 -4.04
CA ALA A 24 -4.54 -4.25 -5.31
C ALA A 24 -3.73 -4.85 -6.45
N VAL A 25 -2.42 -4.93 -6.26
CA VAL A 25 -1.53 -5.48 -7.28
C VAL A 25 -1.65 -7.00 -7.32
N ALA A 26 -2.07 -7.59 -6.21
CA ALA A 26 -2.21 -9.04 -6.11
C ALA A 26 -3.58 -9.48 -6.65
N VAL A 27 -4.63 -8.76 -6.26
CA VAL A 27 -5.98 -9.08 -6.70
C VAL A 27 -6.09 -8.99 -8.22
N GLY A 28 -5.27 -8.11 -8.80
CA GLY A 28 -5.27 -7.95 -10.24
C GLY A 28 -4.43 -9.00 -10.94
N LYS A 29 -3.14 -9.02 -10.62
CA LYS A 29 -2.22 -9.99 -11.21
C LYS A 29 -1.59 -10.88 -10.13
N PRO A 30 -1.99 -12.16 -10.07
CA PRO A 30 -1.46 -13.10 -9.07
C PRO A 30 0.03 -13.35 -9.27
N ARG A 31 0.68 -13.88 -8.24
CA ARG A 31 2.11 -14.18 -8.29
C ARG A 31 2.36 -15.53 -8.96
N ALA A 32 2.10 -15.59 -10.27
CA ALA A 32 2.30 -16.82 -11.02
C ALA A 32 3.79 -17.12 -11.19
N GLY A 33 4.34 -17.83 -10.21
CA GLY A 33 5.75 -18.18 -10.25
C GLY A 33 6.16 -19.09 -9.10
N GLY A 34 5.43 -19.00 -7.99
CA GLY A 34 5.73 -19.83 -6.84
C GLY A 34 7.02 -19.42 -6.15
N ASP A 35 7.22 -19.91 -4.94
CA ASP A 35 8.42 -19.60 -4.17
C ASP A 35 9.33 -20.82 -4.04
N ALA A 1 -2.48 26.99 -2.87
CA ALA A 1 -3.13 25.69 -3.16
C ALA A 1 -2.59 24.59 -2.26
N PHE A 2 -1.65 24.95 -1.39
CA PHE A 2 -1.06 23.99 -0.47
C PHE A 2 -1.96 23.75 0.74
N ARG A 3 -3.13 24.37 0.72
CA ARG A 3 -4.09 24.23 1.82
C ARG A 3 -4.64 22.81 1.89
N GLN A 4 -5.17 22.33 0.77
CA GLN A 4 -5.73 20.98 0.71
C GLN A 4 -4.64 19.93 0.87
N ALA A 5 -3.41 20.32 0.58
CA ALA A 5 -2.27 19.42 0.69
C ALA A 5 -1.93 19.12 2.15
N LEU A 6 -2.41 19.96 3.04
CA LEU A 6 -2.16 19.79 4.47
C LEU A 6 -2.96 18.62 5.03
N GLN A 7 -4.14 18.40 4.48
CA GLN A 7 -5.01 17.31 4.92
C GLN A 7 -4.64 16.00 4.24
N LEU A 8 -4.41 16.07 2.93
CA LEU A 8 -4.06 14.89 2.15
C LEU A 8 -2.76 14.27 2.64
N ALA A 9 -1.75 15.11 2.85
CA ALA A 9 -0.44 14.64 3.31
C ALA A 9 -0.55 13.98 4.69
N ALA A 10 -1.61 14.32 5.43
CA ALA A 10 -1.82 13.76 6.75
C ALA A 10 -2.34 12.33 6.67
N CYS A 11 -3.19 12.06 5.68
CA CYS A 11 -3.75 10.73 5.50
C CYS A 11 -2.74 9.80 4.82
N GLY A 12 -1.77 10.38 4.12
CA GLY A 12 -0.77 9.59 3.45
C GLY A 12 0.35 9.16 4.38
N LEU A 13 0.67 10.01 5.35
CA LEU A 13 1.71 9.72 6.31
C LEU A 13 1.30 8.54 7.19
N ALA A 14 0.03 8.14 7.07
CA ALA A 14 -0.51 7.02 7.83
C ALA A 14 0.37 5.79 7.69
N GLY A 15 0.87 5.55 6.48
CA GLY A 15 1.73 4.40 6.24
C GLY A 15 0.95 3.18 5.80
N LEU A 16 -0.32 3.12 6.16
CA LEU A 16 -1.17 1.99 5.80
C LEU A 16 -1.56 2.05 4.33
N SER A 17 -1.61 3.27 3.79
CA SER A 17 -1.96 3.47 2.39
C SER A 17 -1.06 2.64 1.47
N ALA A 18 0.23 2.61 1.79
CA ALA A 18 1.20 1.86 1.01
C ALA A 18 0.86 0.38 0.99
N ALA A 19 0.30 -0.12 2.08
CA ALA A 19 -0.08 -1.52 2.18
C ALA A 19 -1.34 -1.82 1.38
N VAL A 20 -2.09 -0.78 1.07
CA VAL A 20 -3.32 -0.93 0.30
C VAL A 20 -3.02 -1.15 -1.19
N LEU A 21 -1.86 -0.67 -1.62
CA LEU A 21 -1.45 -0.81 -3.02
C LEU A 21 -1.09 -2.25 -3.34
N PHE A 22 -0.15 -2.81 -2.59
CA PHE A 22 0.31 -4.18 -2.80
C PHE A 22 -0.87 -5.16 -2.90
N SER A 23 -1.98 -4.81 -2.25
CA SER A 23 -3.17 -5.66 -2.28
C SER A 23 -3.80 -5.68 -3.66
N ALA A 24 -3.89 -4.52 -4.29
CA ALA A 24 -4.49 -4.41 -5.62
C ALA A 24 -3.51 -4.88 -6.70
N VAL A 25 -2.22 -4.84 -6.38
CA VAL A 25 -1.18 -5.25 -7.33
C VAL A 25 -1.18 -6.76 -7.51
N ALA A 26 -1.70 -7.48 -6.52
CA ALA A 26 -1.76 -8.94 -6.59
C ALA A 26 -3.04 -9.43 -7.24
N VAL A 27 -4.17 -8.83 -6.85
CA VAL A 27 -5.46 -9.21 -7.41
C VAL A 27 -5.46 -9.05 -8.93
N GLY A 28 -4.66 -8.11 -9.42
CA GLY A 28 -4.57 -7.89 -10.85
C GLY A 28 -3.51 -8.75 -11.50
N LYS A 29 -2.26 -8.60 -11.04
CA LYS A 29 -1.15 -9.37 -11.58
C LYS A 29 -0.50 -10.20 -10.48
N PRO A 30 -0.59 -11.54 -10.57
CA PRO A 30 0.00 -12.45 -9.56
C PRO A 30 1.50 -12.25 -9.43
N ARG A 31 2.02 -12.53 -8.23
CA ARG A 31 3.44 -12.38 -7.96
C ARG A 31 4.26 -13.45 -8.70
N ALA A 32 4.52 -13.19 -9.97
CA ALA A 32 5.29 -14.12 -10.79
C ALA A 32 6.79 -13.85 -10.68
N GLY A 33 7.37 -14.28 -9.55
CA GLY A 33 8.79 -14.08 -9.33
C GLY A 33 9.10 -13.61 -7.93
N GLY A 34 8.29 -14.04 -6.96
CA GLY A 34 8.49 -13.65 -5.58
C GLY A 34 8.35 -14.81 -4.62
N ASP A 35 7.19 -15.47 -4.67
CA ASP A 35 6.94 -16.61 -3.79
C ASP A 35 6.30 -17.76 -4.57
N ALA A 1 15.17 19.78 -8.90
CA ALA A 1 14.78 20.06 -7.48
C ALA A 1 14.93 18.80 -6.63
N PHE A 2 15.50 18.97 -5.43
CA PHE A 2 15.69 17.85 -4.52
C PHE A 2 14.61 17.82 -3.45
N ARG A 3 13.70 18.79 -3.51
CA ARG A 3 12.61 18.87 -2.55
C ARG A 3 11.53 17.83 -2.85
N GLN A 4 11.36 17.51 -4.13
CA GLN A 4 10.35 16.53 -4.54
C GLN A 4 10.79 15.12 -4.16
N ALA A 5 12.08 14.85 -4.28
CA ALA A 5 12.62 13.53 -3.95
C ALA A 5 12.41 13.21 -2.47
N LEU A 6 12.19 14.25 -1.67
CA LEU A 6 11.98 14.07 -0.23
C LEU A 6 10.53 13.64 0.05
N GLN A 7 9.62 14.13 -0.78
CA GLN A 7 8.20 13.80 -0.62
C GLN A 7 7.87 12.47 -1.30
N LEU A 8 8.64 12.13 -2.33
CA LEU A 8 8.43 10.89 -3.06
C LEU A 8 8.98 9.70 -2.28
N ALA A 9 10.23 9.84 -1.82
CA ALA A 9 10.89 8.79 -1.07
C ALA A 9 10.14 8.51 0.25
N ALA A 10 9.50 9.54 0.78
CA ALA A 10 8.76 9.41 2.03
C ALA A 10 7.37 8.82 1.79
N CYS A 11 6.93 8.87 0.54
CA CYS A 11 5.62 8.34 0.17
C CYS A 11 5.56 6.84 0.36
N GLY A 12 6.69 6.17 0.11
CA GLY A 12 6.74 4.73 0.27
C GLY A 12 7.01 4.30 1.70
N LEU A 13 7.81 5.09 2.41
CA LEU A 13 8.12 4.80 3.80
C LEU A 13 6.86 4.91 4.66
N ALA A 14 5.80 5.41 4.06
CA ALA A 14 4.52 5.58 4.74
C ALA A 14 4.06 4.26 5.36
N GLY A 15 4.05 3.20 4.55
CA GLY A 15 3.62 1.90 5.02
C GLY A 15 2.12 1.72 4.98
N LEU A 16 1.40 2.83 5.06
CA LEU A 16 -0.07 2.80 5.03
C LEU A 16 -0.58 2.66 3.60
N SER A 17 -0.12 3.54 2.72
CA SER A 17 -0.52 3.52 1.32
C SER A 17 -0.05 2.25 0.63
N ALA A 18 1.25 1.96 0.76
CA ALA A 18 1.85 0.79 0.15
C ALA A 18 1.13 -0.49 0.57
N ALA A 19 0.61 -0.51 1.79
CA ALA A 19 -0.10 -1.67 2.31
C ALA A 19 -1.35 -1.96 1.50
N VAL A 20 -2.02 -0.91 1.05
CA VAL A 20 -3.24 -1.05 0.26
C VAL A 20 -2.92 -1.23 -1.22
N LEU A 21 -1.84 -0.62 -1.66
CA LEU A 21 -1.41 -0.71 -3.05
C LEU A 21 -1.05 -2.14 -3.43
N PHE A 22 -0.17 -2.75 -2.64
CA PHE A 22 0.27 -4.12 -2.89
C PHE A 22 -0.92 -5.08 -3.00
N SER A 23 -2.01 -4.74 -2.32
CA SER A 23 -3.20 -5.57 -2.35
C SER A 23 -3.98 -5.39 -3.64
N ALA A 24 -3.94 -4.20 -4.21
CA ALA A 24 -4.66 -3.91 -5.45
C ALA A 24 -3.87 -4.35 -6.68
N VAL A 25 -2.55 -4.42 -6.53
CA VAL A 25 -1.68 -4.81 -7.63
C VAL A 25 -1.79 -6.31 -7.93
N ALA A 26 -2.20 -7.08 -6.93
CA ALA A 26 -2.33 -8.52 -7.10
C ALA A 26 -3.76 -8.93 -7.51
N VAL A 27 -4.75 -8.35 -6.84
CA VAL A 27 -6.15 -8.66 -7.15
C VAL A 27 -6.45 -8.39 -8.62
N GLY A 28 -5.73 -7.44 -9.20
CA GLY A 28 -5.92 -7.11 -10.60
C GLY A 28 -5.04 -7.94 -11.50
N LYS A 29 -3.73 -7.81 -11.32
CA LYS A 29 -2.77 -8.57 -12.12
C LYS A 29 -1.89 -9.46 -11.24
N PRO A 30 -1.93 -10.79 -11.44
CA PRO A 30 -1.13 -11.74 -10.66
C PRO A 30 0.36 -11.50 -10.83
N ARG A 31 1.13 -11.84 -9.81
CA ARG A 31 2.58 -11.65 -9.84
C ARG A 31 3.23 -12.57 -10.88
N ALA A 32 3.30 -12.09 -12.12
CA ALA A 32 3.89 -12.86 -13.21
C ALA A 32 5.09 -12.14 -13.82
N GLY A 33 6.27 -12.72 -13.67
CA GLY A 33 7.47 -12.12 -14.20
C GLY A 33 8.61 -12.11 -13.20
N GLY A 34 8.44 -12.85 -12.10
CA GLY A 34 9.46 -12.92 -11.08
C GLY A 34 8.90 -13.22 -9.71
N ASP A 35 9.71 -13.86 -8.86
CA ASP A 35 9.29 -14.22 -7.51
C ASP A 35 10.38 -13.89 -6.50
N ALA A 1 12.28 -9.09 25.02
CA ALA A 1 10.90 -9.18 24.49
C ALA A 1 10.46 -7.87 23.85
N PHE A 2 11.41 -6.96 23.69
CA PHE A 2 11.13 -5.65 23.09
C PHE A 2 11.53 -5.63 21.63
N ARG A 3 12.39 -6.57 21.23
CA ARG A 3 12.86 -6.66 19.86
C ARG A 3 11.70 -6.93 18.90
N GLN A 4 10.70 -7.67 19.39
CA GLN A 4 9.54 -8.00 18.60
C GLN A 4 8.60 -6.80 18.47
N ALA A 5 8.53 -6.00 19.52
CA ALA A 5 7.68 -4.83 19.54
C ALA A 5 8.23 -3.73 18.62
N LEU A 6 9.55 -3.75 18.42
CA LEU A 6 10.20 -2.77 17.56
C LEU A 6 10.04 -3.15 16.09
N GLN A 7 9.98 -4.44 15.82
CA GLN A 7 9.83 -4.93 14.45
C GLN A 7 8.36 -4.94 14.04
N LEU A 8 7.48 -5.04 15.02
CA LEU A 8 6.04 -5.06 14.76
C LEU A 8 5.49 -3.65 14.61
N ALA A 9 5.79 -2.79 15.59
CA ALA A 9 5.33 -1.41 15.58
C ALA A 9 5.86 -0.68 14.35
N ALA A 10 7.05 -1.06 13.89
CA ALA A 10 7.66 -0.44 12.72
C ALA A 10 7.13 -1.05 11.43
N CYS A 11 6.51 -2.21 11.55
CA CYS A 11 5.95 -2.90 10.39
C CYS A 11 4.71 -2.18 9.87
N GLY A 12 4.04 -1.45 10.76
CA GLY A 12 2.84 -0.72 10.37
C GLY A 12 3.15 0.69 9.91
N LEU A 13 3.86 1.46 10.74
CA LEU A 13 4.23 2.82 10.39
C LEU A 13 5.09 2.83 9.14
N ALA A 14 5.50 1.63 8.71
CA ALA A 14 6.31 1.46 7.53
C ALA A 14 5.66 2.10 6.31
N GLY A 15 4.35 1.85 6.15
CA GLY A 15 3.62 2.40 5.04
C GLY A 15 2.21 1.84 4.94
N LEU A 16 1.35 2.24 5.87
CA LEU A 16 -0.03 1.77 5.88
C LEU A 16 -0.74 2.10 4.56
N SER A 17 -0.22 3.08 3.84
CA SER A 17 -0.80 3.48 2.56
C SER A 17 -0.28 2.59 1.44
N ALA A 18 0.96 2.15 1.58
CA ALA A 18 1.59 1.28 0.58
C ALA A 18 0.97 -0.11 0.61
N ALA A 19 0.56 -0.54 1.81
CA ALA A 19 -0.05 -1.85 1.99
C ALA A 19 -1.34 -1.96 1.19
N VAL A 20 -2.09 -0.86 1.13
CA VAL A 20 -3.35 -0.82 0.39
C VAL A 20 -3.11 -0.98 -1.11
N LEU A 21 -1.90 -0.62 -1.53
CA LEU A 21 -1.53 -0.72 -2.95
C LEU A 21 -1.13 -2.14 -3.32
N PHE A 22 -0.22 -2.73 -2.55
CA PHE A 22 0.26 -4.08 -2.80
C PHE A 22 -0.91 -5.05 -2.95
N SER A 23 -2.01 -4.77 -2.26
CA SER A 23 -3.19 -5.64 -2.33
C SER A 23 -3.84 -5.57 -3.70
N ALA A 24 -3.87 -4.38 -4.29
CA ALA A 24 -4.47 -4.21 -5.61
C ALA A 24 -3.52 -4.62 -6.72
N VAL A 25 -2.24 -4.78 -6.37
CA VAL A 25 -1.24 -5.17 -7.33
C VAL A 25 -1.27 -6.68 -7.59
N ALA A 26 -1.60 -7.45 -6.56
CA ALA A 26 -1.67 -8.90 -6.69
C ALA A 26 -2.98 -9.34 -7.32
N VAL A 27 -4.08 -8.75 -6.87
CA VAL A 27 -5.39 -9.10 -7.40
C VAL A 27 -5.50 -8.73 -8.88
N GLY A 28 -4.71 -7.75 -9.29
CA GLY A 28 -4.71 -7.32 -10.68
C GLY A 28 -3.71 -8.09 -11.52
N LYS A 29 -2.44 -7.98 -11.17
CA LYS A 29 -1.39 -8.68 -11.89
C LYS A 29 -0.71 -9.72 -11.00
N PRO A 30 -0.96 -11.02 -11.25
CA PRO A 30 -0.36 -12.11 -10.46
C PRO A 30 1.16 -12.17 -10.63
N ARG A 31 1.83 -12.75 -9.65
CA ARG A 31 3.28 -12.88 -9.68
C ARG A 31 3.73 -13.77 -10.84
N ALA A 32 4.18 -13.13 -11.92
CA ALA A 32 4.64 -13.86 -13.10
C ALA A 32 6.16 -13.85 -13.19
N GLY A 33 6.79 -14.81 -12.53
CA GLY A 33 8.24 -14.89 -12.55
C GLY A 33 8.83 -15.34 -11.22
N GLY A 34 8.35 -14.73 -10.14
CA GLY A 34 8.84 -15.08 -8.81
C GLY A 34 9.68 -13.98 -8.20
N ASP A 35 10.79 -14.36 -7.59
CA ASP A 35 11.69 -13.40 -6.96
C ASP A 35 12.75 -12.91 -7.93
N ALA A 1 -17.25 15.33 2.55
CA ALA A 1 -16.15 14.44 2.11
C ALA A 1 -14.79 15.06 2.43
N PHE A 2 -14.76 16.38 2.55
CA PHE A 2 -13.53 17.10 2.86
C PHE A 2 -13.15 16.90 4.32
N ARG A 3 -14.15 16.73 5.17
CA ARG A 3 -13.92 16.53 6.60
C ARG A 3 -13.28 15.17 6.85
N GLN A 4 -13.79 14.15 6.16
CA GLN A 4 -13.26 12.80 6.32
C GLN A 4 -11.83 12.72 5.84
N ALA A 5 -11.45 13.63 4.95
CA ALA A 5 -10.09 13.66 4.40
C ALA A 5 -9.07 14.00 5.48
N LEU A 6 -9.54 14.60 6.57
CA LEU A 6 -8.66 14.97 7.68
C LEU A 6 -8.36 13.74 8.54
N GLN A 7 -9.33 12.85 8.65
CA GLN A 7 -9.17 11.64 9.45
C GLN A 7 -8.45 10.56 8.65
N LEU A 8 -8.60 10.61 7.33
CA LEU A 8 -7.97 9.64 6.44
C LEU A 8 -6.51 10.02 6.20
N ALA A 9 -6.26 11.31 6.01
CA ALA A 9 -4.90 11.78 5.78
C ALA A 9 -4.00 11.48 6.97
N ALA A 10 -4.59 11.45 8.16
CA ALA A 10 -3.84 11.16 9.37
C ALA A 10 -3.71 9.67 9.59
N CYS A 11 -4.79 8.93 9.34
CA CYS A 11 -4.79 7.49 9.49
C CYS A 11 -3.93 6.83 8.41
N GLY A 12 -3.68 7.56 7.34
CA GLY A 12 -2.86 7.05 6.26
C GLY A 12 -1.39 7.14 6.59
N LEU A 13 -1.03 8.09 7.44
CA LEU A 13 0.35 8.28 7.84
C LEU A 13 0.81 7.06 8.64
N ALA A 14 -0.17 6.26 9.08
CA ALA A 14 0.09 5.07 9.85
C ALA A 14 0.98 4.10 9.08
N GLY A 15 0.78 4.04 7.76
CA GLY A 15 1.57 3.16 6.92
C GLY A 15 0.74 2.04 6.33
N LEU A 16 -0.52 1.96 6.73
CA LEU A 16 -1.41 0.91 6.23
C LEU A 16 -1.91 1.25 4.83
N SER A 17 -2.05 2.54 4.55
CA SER A 17 -2.52 3.01 3.24
C SER A 17 -1.57 2.54 2.13
N ALA A 18 -0.28 2.53 2.44
CA ALA A 18 0.72 2.10 1.47
C ALA A 18 0.58 0.62 1.16
N ALA A 19 0.17 -0.16 2.15
CA ALA A 19 -0.01 -1.59 1.99
C ALA A 19 -1.21 -1.90 1.10
N VAL A 20 -2.12 -0.94 0.99
CA VAL A 20 -3.31 -1.10 0.17
C VAL A 20 -2.95 -1.30 -1.29
N LEU A 21 -1.88 -0.64 -1.73
CA LEU A 21 -1.41 -0.74 -3.10
C LEU A 21 -1.02 -2.17 -3.43
N PHE A 22 -0.17 -2.75 -2.59
CA PHE A 22 0.29 -4.12 -2.80
C PHE A 22 -0.89 -5.09 -2.92
N SER A 23 -1.97 -4.76 -2.21
CA SER A 23 -3.18 -5.58 -2.23
C SER A 23 -3.93 -5.41 -3.55
N ALA A 24 -3.99 -4.19 -4.03
CA ALA A 24 -4.68 -3.88 -5.29
C ALA A 24 -3.97 -4.53 -6.48
N VAL A 25 -2.65 -4.66 -6.36
CA VAL A 25 -1.85 -5.25 -7.43
C VAL A 25 -2.08 -6.76 -7.51
N ALA A 26 -2.54 -7.35 -6.39
CA ALA A 26 -2.80 -8.78 -6.34
C ALA A 26 -4.22 -9.10 -6.77
N VAL A 27 -5.18 -8.33 -6.27
CA VAL A 27 -6.58 -8.53 -6.62
C VAL A 27 -6.81 -8.37 -8.12
N GLY A 28 -5.99 -7.52 -8.74
CA GLY A 28 -6.10 -7.29 -10.16
C GLY A 28 -5.43 -8.38 -10.97
N LYS A 29 -4.12 -8.56 -10.76
CA LYS A 29 -3.35 -9.58 -11.46
C LYS A 29 -2.73 -10.58 -10.48
N PRO A 30 -3.26 -11.82 -10.42
CA PRO A 30 -2.73 -12.85 -9.53
C PRO A 30 -1.45 -13.47 -10.08
N ARG A 31 -0.65 -14.04 -9.18
CA ARG A 31 0.61 -14.67 -9.59
C ARG A 31 0.36 -16.07 -10.16
N ALA A 32 -0.30 -16.11 -11.32
CA ALA A 32 -0.61 -17.37 -11.97
C ALA A 32 0.66 -18.14 -12.31
N GLY A 33 0.91 -19.22 -11.57
CA GLY A 33 2.10 -20.03 -11.80
C GLY A 33 2.65 -20.62 -10.52
N GLY A 34 2.25 -20.05 -9.39
CA GLY A 34 2.72 -20.53 -8.10
C GLY A 34 1.77 -21.54 -7.48
N ASP A 35 0.86 -22.07 -8.30
CA ASP A 35 -0.10 -23.05 -7.83
C ASP A 35 -0.96 -22.48 -6.71
N ALA A 1 11.90 7.75 -12.99
CA ALA A 1 12.12 6.46 -12.26
C ALA A 1 12.34 6.72 -10.77
N PHE A 2 13.22 7.64 -10.45
CA PHE A 2 13.53 7.98 -9.07
C PHE A 2 12.51 8.98 -8.53
N ARG A 3 11.84 9.67 -9.43
CA ARG A 3 10.84 10.67 -9.06
C ARG A 3 9.67 10.02 -8.31
N GLN A 4 9.38 8.76 -8.64
CA GLN A 4 8.29 8.04 -7.99
C GLN A 4 8.71 7.56 -6.61
N ALA A 5 10.00 7.37 -6.42
CA ALA A 5 10.53 6.91 -5.14
C ALA A 5 10.36 7.97 -4.05
N LEU A 6 10.14 9.21 -4.49
CA LEU A 6 9.95 10.31 -3.56
C LEU A 6 8.63 10.18 -2.80
N GLN A 7 7.56 9.90 -3.54
CA GLN A 7 6.24 9.75 -2.94
C GLN A 7 6.04 8.33 -2.41
N LEU A 8 6.75 7.38 -2.99
CA LEU A 8 6.65 5.98 -2.58
C LEU A 8 7.32 5.76 -1.23
N ALA A 9 8.41 6.47 -0.99
CA ALA A 9 9.15 6.36 0.27
C ALA A 9 8.35 6.94 1.42
N ALA A 10 7.77 8.12 1.22
CA ALA A 10 6.99 8.79 2.25
C ALA A 10 5.72 8.01 2.55
N CYS A 11 4.87 7.84 1.54
CA CYS A 11 3.61 7.11 1.69
C CYS A 11 3.88 5.65 2.08
N GLY A 12 5.06 5.16 1.74
CA GLY A 12 5.41 3.78 2.05
C GLY A 12 5.88 3.64 3.49
N LEU A 13 6.49 4.69 4.02
CA LEU A 13 6.98 4.68 5.39
C LEU A 13 5.79 4.49 6.34
N ALA A 14 4.60 4.68 5.78
CA ALA A 14 3.35 4.53 6.53
C ALA A 14 3.08 3.07 6.87
N GLY A 15 3.35 2.20 5.91
CA GLY A 15 3.13 0.77 6.11
C GLY A 15 1.73 0.36 5.73
N LEU A 16 0.74 1.19 6.07
CA LEU A 16 -0.65 0.89 5.76
C LEU A 16 -0.97 1.29 4.33
N SER A 17 -0.61 2.50 3.95
CA SER A 17 -0.87 3.00 2.60
C SER A 17 -0.25 2.09 1.55
N ALA A 18 1.02 1.75 1.75
CA ALA A 18 1.74 0.88 0.82
C ALA A 18 1.06 -0.47 0.69
N ALA A 19 0.45 -0.93 1.78
CA ALA A 19 -0.24 -2.21 1.80
C ALA A 19 -1.48 -2.18 0.91
N VAL A 20 -2.19 -1.04 0.93
CA VAL A 20 -3.39 -0.89 0.14
C VAL A 20 -3.10 -1.02 -1.35
N LEU A 21 -1.95 -0.51 -1.78
CA LEU A 21 -1.55 -0.57 -3.18
C LEU A 21 -1.11 -1.98 -3.55
N PHE A 22 -0.18 -2.52 -2.77
CA PHE A 22 0.34 -3.87 -3.00
C PHE A 22 -0.78 -4.88 -3.21
N SER A 23 -1.73 -4.90 -2.29
CA SER A 23 -2.86 -5.82 -2.38
C SER A 23 -3.70 -5.57 -3.62
N ALA A 24 -3.83 -4.31 -4.00
CA ALA A 24 -4.62 -3.94 -5.17
C ALA A 24 -3.91 -4.32 -6.47
N VAL A 25 -2.58 -4.38 -6.43
CA VAL A 25 -1.80 -4.73 -7.61
C VAL A 25 -1.89 -6.22 -7.91
N ALA A 26 -2.13 -7.03 -6.87
CA ALA A 26 -2.23 -8.46 -7.03
C ALA A 26 -3.65 -8.89 -7.40
N VAL A 27 -4.64 -8.33 -6.71
CA VAL A 27 -6.03 -8.66 -6.98
C VAL A 27 -6.42 -8.28 -8.41
N GLY A 28 -5.76 -7.27 -8.94
CA GLY A 28 -6.05 -6.83 -10.30
C GLY A 28 -5.24 -7.61 -11.33
N LYS A 29 -3.92 -7.55 -11.20
CA LYS A 29 -3.02 -8.25 -12.11
C LYS A 29 -2.16 -9.26 -11.36
N PRO A 30 -2.42 -10.58 -11.53
CA PRO A 30 -1.65 -11.63 -10.86
C PRO A 30 -0.16 -11.56 -11.19
N ARG A 31 0.67 -11.92 -10.22
CA ARG A 31 2.12 -11.89 -10.40
C ARG A 31 2.56 -12.89 -11.48
N ALA A 32 2.61 -12.42 -12.73
CA ALA A 32 3.01 -13.27 -13.84
C ALA A 32 4.39 -12.89 -14.36
N GLY A 33 5.31 -13.85 -14.32
CA GLY A 33 6.66 -13.59 -14.79
C GLY A 33 7.64 -14.68 -14.41
N GLY A 34 7.40 -15.32 -13.26
CA GLY A 34 8.27 -16.39 -12.80
C GLY A 34 7.65 -17.19 -11.68
N ASP A 35 6.74 -18.10 -12.03
CA ASP A 35 6.08 -18.94 -11.04
C ASP A 35 7.06 -19.87 -10.36
N ALA A 1 -2.93 -5.17 29.39
CA ALA A 1 -2.44 -3.77 29.33
C ALA A 1 -2.70 -3.16 27.96
N PHE A 2 -3.07 -1.88 27.95
CA PHE A 2 -3.35 -1.18 26.70
C PHE A 2 -2.20 -0.24 26.33
N ARG A 3 -1.00 -0.56 26.80
CA ARG A 3 0.17 0.26 26.52
C ARG A 3 0.93 -0.26 25.31
N GLN A 4 1.02 -1.58 25.19
CA GLN A 4 1.73 -2.21 24.08
C GLN A 4 0.97 -2.01 22.78
N ALA A 5 -0.33 -1.81 22.87
CA ALA A 5 -1.17 -1.61 21.69
C ALA A 5 -0.97 -0.21 21.10
N LEU A 6 -0.40 0.69 21.90
CA LEU A 6 -0.16 2.05 21.45
C LEU A 6 0.98 2.11 20.45
N GLN A 7 2.01 1.31 20.67
CA GLN A 7 3.17 1.28 19.79
C GLN A 7 2.95 0.36 18.59
N LEU A 8 2.48 -0.87 18.87
CA LEU A 8 2.22 -1.85 17.82
C LEU A 8 1.28 -1.29 16.77
N ALA A 9 0.26 -0.57 17.21
CA ALA A 9 -0.72 0.02 16.30
C ALA A 9 -0.09 1.11 15.44
N ALA A 10 0.89 1.81 16.01
CA ALA A 10 1.57 2.88 15.29
C ALA A 10 2.48 2.32 14.20
N CYS A 11 2.78 1.03 14.28
CA CYS A 11 3.64 0.38 13.31
C CYS A 11 2.95 0.29 11.94
N GLY A 12 1.63 0.37 11.96
CA GLY A 12 0.87 0.30 10.72
C GLY A 12 0.61 1.67 10.12
N LEU A 13 0.34 2.65 10.98
CA LEU A 13 0.11 4.01 10.52
C LEU A 13 1.34 4.56 9.82
N ALA A 14 2.43 3.83 9.93
CA ALA A 14 3.70 4.22 9.32
C ALA A 14 3.52 4.43 7.82
N GLY A 15 2.64 3.65 7.21
CA GLY A 15 2.39 3.76 5.79
C GLY A 15 1.34 2.79 5.30
N LEU A 16 0.14 2.90 5.84
CA LEU A 16 -0.96 2.01 5.46
C LEU A 16 -1.33 2.19 3.99
N SER A 17 -0.89 3.29 3.39
CA SER A 17 -1.17 3.57 1.99
C SER A 17 -0.49 2.56 1.07
N ALA A 18 0.79 2.35 1.29
CA ALA A 18 1.57 1.41 0.48
C ALA A 18 1.05 -0.01 0.64
N ALA A 19 0.54 -0.32 1.83
CA ALA A 19 0.01 -1.65 2.12
C ALA A 19 -1.23 -1.94 1.27
N VAL A 20 -2.05 -0.92 1.05
CA VAL A 20 -3.27 -1.06 0.26
C VAL A 20 -2.95 -1.29 -1.21
N LEU A 21 -1.89 -0.64 -1.69
CA LEU A 21 -1.48 -0.76 -3.08
C LEU A 21 -1.08 -2.19 -3.40
N PHE A 22 -0.23 -2.77 -2.56
CA PHE A 22 0.24 -4.14 -2.75
C PHE A 22 -0.93 -5.11 -2.95
N SER A 23 -2.05 -4.81 -2.29
CA SER A 23 -3.24 -5.66 -2.38
C SER A 23 -3.99 -5.38 -3.68
N ALA A 24 -3.88 -4.17 -4.19
CA ALA A 24 -4.55 -3.78 -5.41
C ALA A 24 -3.76 -4.21 -6.65
N VAL A 25 -2.47 -4.46 -6.45
CA VAL A 25 -1.60 -4.88 -7.54
C VAL A 25 -1.84 -6.34 -7.93
N ALA A 26 -2.23 -7.14 -6.94
CA ALA A 26 -2.48 -8.56 -7.18
C ALA A 26 -3.94 -8.82 -7.55
N VAL A 27 -4.86 -8.11 -6.89
CA VAL A 27 -6.28 -8.28 -7.15
C VAL A 27 -6.62 -7.92 -8.60
N GLY A 28 -5.82 -7.03 -9.19
CA GLY A 28 -6.05 -6.62 -10.56
C GLY A 28 -5.28 -7.47 -11.55
N LYS A 29 -3.96 -7.49 -11.41
CA LYS A 29 -3.11 -8.28 -12.31
C LYS A 29 -2.36 -9.37 -11.54
N PRO A 30 -2.74 -10.65 -11.72
CA PRO A 30 -2.10 -11.77 -11.04
C PRO A 30 -0.62 -11.90 -11.43
N ARG A 31 0.13 -12.67 -10.64
CA ARG A 31 1.55 -12.86 -10.91
C ARG A 31 1.76 -13.98 -11.93
N ALA A 32 1.34 -13.74 -13.16
CA ALA A 32 1.47 -14.73 -14.23
C ALA A 32 2.95 -15.07 -14.47
N GLY A 33 3.30 -16.32 -14.24
CA GLY A 33 4.67 -16.76 -14.43
C GLY A 33 5.08 -17.83 -13.44
N GLY A 34 4.32 -17.94 -12.35
CA GLY A 34 4.63 -18.93 -11.33
C GLY A 34 5.44 -18.37 -10.18
N ASP A 35 5.18 -18.87 -8.98
CA ASP A 35 5.88 -18.43 -7.78
C ASP A 35 5.71 -16.93 -7.58
N ALA A 1 6.98 5.49 -17.44
CA ALA A 1 7.11 6.90 -17.00
C ALA A 1 7.58 6.97 -15.55
N PHE A 2 8.47 7.93 -15.26
CA PHE A 2 9.00 8.09 -13.92
C PHE A 2 8.25 9.20 -13.17
N ARG A 3 7.12 9.63 -13.73
CA ARG A 3 6.33 10.69 -13.12
C ARG A 3 5.34 10.11 -12.12
N GLN A 4 4.93 8.86 -12.34
CA GLN A 4 3.97 8.19 -11.47
C GLN A 4 4.65 7.79 -10.16
N ALA A 5 5.96 7.66 -10.19
CA ALA A 5 6.73 7.28 -9.01
C ALA A 5 6.60 8.33 -7.91
N LEU A 6 6.35 9.57 -8.32
CA LEU A 6 6.22 10.66 -7.36
C LEU A 6 4.94 10.52 -6.54
N GLN A 7 3.90 9.98 -7.16
CA GLN A 7 2.62 9.80 -6.49
C GLN A 7 2.60 8.49 -5.71
N LEU A 8 3.39 7.52 -6.16
CA LEU A 8 3.46 6.22 -5.50
C LEU A 8 4.35 6.28 -4.25
N ALA A 9 5.58 6.72 -4.44
CA ALA A 9 6.53 6.83 -3.33
C ALA A 9 6.00 7.75 -2.23
N ALA A 10 5.29 8.80 -2.63
CA ALA A 10 4.73 9.75 -1.67
C ALA A 10 3.77 9.07 -0.72
N CYS A 11 2.70 8.49 -1.28
CA CYS A 11 1.69 7.80 -0.49
C CYS A 11 2.28 6.55 0.14
N GLY A 12 3.40 6.09 -0.41
CA GLY A 12 4.04 4.89 0.12
C GLY A 12 4.85 5.18 1.37
N LEU A 13 5.38 6.41 1.45
CA LEU A 13 6.16 6.81 2.62
C LEU A 13 5.27 6.77 3.86
N ALA A 14 3.98 6.66 3.62
CA ALA A 14 2.99 6.61 4.70
C ALA A 14 3.08 5.28 5.45
N GLY A 15 3.35 4.21 4.71
CA GLY A 15 3.46 2.89 5.33
C GLY A 15 2.15 2.14 5.30
N LEU A 16 1.06 2.84 5.63
CA LEU A 16 -0.27 2.24 5.65
C LEU A 16 -0.87 2.21 4.24
N SER A 17 -0.83 3.35 3.57
CA SER A 17 -1.37 3.45 2.21
C SER A 17 -0.63 2.51 1.26
N ALA A 18 0.65 2.26 1.57
CA ALA A 18 1.46 1.37 0.75
C ALA A 18 0.98 -0.07 0.87
N ALA A 19 0.47 -0.42 2.04
CA ALA A 19 -0.03 -1.77 2.30
C ALA A 19 -1.31 -2.03 1.50
N VAL A 20 -1.94 -0.96 1.05
CA VAL A 20 -3.18 -1.06 0.28
C VAL A 20 -2.88 -1.29 -1.19
N LEU A 21 -1.86 -0.60 -1.70
CA LEU A 21 -1.48 -0.71 -3.10
C LEU A 21 -1.07 -2.15 -3.43
N PHE A 22 -0.17 -2.71 -2.63
CA PHE A 22 0.29 -4.08 -2.84
C PHE A 22 -0.88 -5.04 -2.97
N SER A 23 -2.00 -4.70 -2.32
CA SER A 23 -3.20 -5.53 -2.37
C SER A 23 -3.87 -5.42 -3.73
N ALA A 24 -3.93 -4.20 -4.26
CA ALA A 24 -4.55 -3.96 -5.56
C ALA A 24 -3.70 -4.52 -6.69
N VAL A 25 -2.39 -4.64 -6.43
CA VAL A 25 -1.47 -5.17 -7.42
C VAL A 25 -1.70 -6.67 -7.65
N ALA A 26 -2.29 -7.32 -6.65
CA ALA A 26 -2.56 -8.74 -6.74
C ALA A 26 -3.96 -9.02 -7.29
N VAL A 27 -4.95 -8.30 -6.79
CA VAL A 27 -6.33 -8.48 -7.23
C VAL A 27 -6.43 -8.36 -8.75
N GLY A 28 -5.54 -7.56 -9.32
CA GLY A 28 -5.52 -7.37 -10.76
C GLY A 28 -4.70 -8.42 -11.47
N LYS A 29 -3.42 -8.50 -11.11
CA LYS A 29 -2.51 -9.48 -11.71
C LYS A 29 -1.94 -10.42 -10.64
N PRO A 30 -2.38 -11.70 -10.63
CA PRO A 30 -1.88 -12.68 -9.65
C PRO A 30 -0.38 -12.91 -9.78
N ARG A 31 0.25 -13.27 -8.66
CA ARG A 31 1.69 -13.51 -8.63
C ARG A 31 2.03 -14.77 -9.43
N ALA A 32 2.19 -14.60 -10.74
CA ALA A 32 2.52 -15.72 -11.61
C ALA A 32 3.95 -15.58 -12.16
N GLY A 33 4.93 -16.02 -11.39
CA GLY A 33 6.31 -15.93 -11.81
C GLY A 33 7.13 -14.98 -10.96
N GLY A 34 6.69 -14.79 -9.71
CA GLY A 34 7.38 -13.90 -8.81
C GLY A 34 8.61 -14.53 -8.19
N ASP A 35 8.84 -14.23 -6.91
CA ASP A 35 10.00 -14.77 -6.19
C ASP A 35 9.66 -16.14 -5.60
N ALA A 1 1.72 27.20 11.22
CA ALA A 1 2.25 25.81 11.34
C ALA A 1 1.14 24.79 11.19
N PHE A 2 0.07 25.18 10.51
CA PHE A 2 -1.08 24.31 10.29
C PHE A 2 -1.03 23.71 8.89
N ARG A 3 -0.51 24.48 7.94
CA ARG A 3 -0.41 24.03 6.55
C ARG A 3 0.64 22.93 6.41
N GLN A 4 1.63 22.96 7.30
CA GLN A 4 2.70 21.96 7.28
C GLN A 4 2.18 20.60 7.72
N ALA A 5 1.08 20.61 8.47
CA ALA A 5 0.47 19.38 8.97
C ALA A 5 -0.01 18.51 7.81
N LEU A 6 -0.40 19.16 6.71
CA LEU A 6 -0.88 18.45 5.54
C LEU A 6 0.15 17.45 5.04
N GLN A 7 1.40 17.88 4.99
CA GLN A 7 2.50 17.03 4.53
C GLN A 7 3.03 16.17 5.67
N LEU A 8 2.87 16.66 6.90
CA LEU A 8 3.34 15.94 8.08
C LEU A 8 2.62 14.60 8.22
N ALA A 9 1.30 14.65 8.29
CA ALA A 9 0.50 13.44 8.43
C ALA A 9 0.63 12.57 7.18
N ALA A 10 0.67 13.20 6.02
CA ALA A 10 0.79 12.49 4.76
C ALA A 10 2.12 11.73 4.68
N CYS A 11 3.06 12.11 5.55
CA CYS A 11 4.37 11.47 5.58
C CYS A 11 4.30 10.13 6.30
N GLY A 12 3.40 10.04 7.30
CA GLY A 12 3.26 8.80 8.04
C GLY A 12 2.36 7.81 7.33
N LEU A 13 1.28 8.31 6.74
CA LEU A 13 0.35 7.46 6.01
C LEU A 13 1.04 6.77 4.84
N ALA A 14 2.28 7.19 4.58
CA ALA A 14 3.08 6.64 3.49
C ALA A 14 3.22 5.12 3.63
N GLY A 15 3.00 4.61 4.84
CA GLY A 15 3.11 3.18 5.07
C GLY A 15 1.80 2.46 4.86
N LEU A 16 0.76 2.89 5.57
CA LEU A 16 -0.56 2.27 5.45
C LEU A 16 -1.08 2.35 4.03
N SER A 17 -0.97 3.53 3.42
CA SER A 17 -1.43 3.73 2.05
C SER A 17 -0.71 2.80 1.09
N ALA A 18 0.56 2.51 1.38
CA ALA A 18 1.36 1.64 0.54
C ALA A 18 0.91 0.19 0.65
N ALA A 19 0.48 -0.20 1.86
CA ALA A 19 0.02 -1.57 2.11
C ALA A 19 -1.21 -1.88 1.28
N VAL A 20 -2.07 -0.88 1.10
CA VAL A 20 -3.30 -1.06 0.32
C VAL A 20 -2.99 -1.28 -1.15
N LEU A 21 -1.89 -0.67 -1.61
CA LEU A 21 -1.48 -0.80 -3.01
C LEU A 21 -1.11 -2.24 -3.34
N PHE A 22 -0.12 -2.77 -2.63
CA PHE A 22 0.35 -4.14 -2.85
C PHE A 22 -0.81 -5.12 -2.98
N SER A 23 -1.97 -4.75 -2.43
CA SER A 23 -3.14 -5.62 -2.50
C SER A 23 -3.86 -5.49 -3.83
N ALA A 24 -4.20 -4.26 -4.22
CA ALA A 24 -4.90 -4.01 -5.48
C ALA A 24 -3.98 -4.15 -6.69
N VAL A 25 -2.83 -3.47 -6.64
CA VAL A 25 -1.87 -3.50 -7.73
C VAL A 25 -1.59 -4.93 -8.20
N ALA A 26 -1.80 -5.90 -7.31
CA ALA A 26 -1.58 -7.30 -7.64
C ALA A 26 -2.77 -7.89 -8.39
N VAL A 27 -3.97 -7.55 -7.95
CA VAL A 27 -5.18 -8.05 -8.58
C VAL A 27 -5.24 -7.63 -10.04
N GLY A 28 -4.63 -6.48 -10.35
CA GLY A 28 -4.61 -5.99 -11.71
C GLY A 28 -3.52 -6.65 -12.54
N LYS A 29 -2.27 -6.47 -12.11
CA LYS A 29 -1.13 -7.05 -12.79
C LYS A 29 -0.36 -8.00 -11.87
N PRO A 30 -0.46 -9.32 -12.10
CA PRO A 30 0.24 -10.32 -11.28
C PRO A 30 1.75 -10.21 -11.38
N ARG A 31 2.45 -10.70 -10.36
CA ARG A 31 3.90 -10.66 -10.32
C ARG A 31 4.49 -11.61 -11.36
N ALA A 32 4.70 -11.10 -12.57
CA ALA A 32 5.26 -11.89 -13.66
C ALA A 32 6.34 -11.11 -14.41
N GLY A 33 7.54 -11.06 -13.83
CA GLY A 33 8.63 -10.35 -14.47
C GLY A 33 9.23 -9.29 -13.56
N GLY A 34 8.53 -8.98 -12.47
CA GLY A 34 9.01 -7.97 -11.54
C GLY A 34 8.85 -6.56 -12.08
N ASP A 35 9.95 -5.98 -12.57
CA ASP A 35 9.92 -4.63 -13.12
C ASP A 35 10.05 -4.66 -14.63
N ALA A 1 -2.41 25.42 8.71
CA ALA A 1 -3.28 24.30 9.16
C ALA A 1 -3.41 23.25 8.07
N PHE A 2 -3.24 23.66 6.82
CA PHE A 2 -3.32 22.75 5.68
C PHE A 2 -2.04 21.95 5.51
N ARG A 3 -0.92 22.57 5.90
CA ARG A 3 0.38 21.92 5.79
C ARG A 3 0.54 20.81 6.83
N GLN A 4 -0.04 21.03 8.01
CA GLN A 4 0.05 20.05 9.09
C GLN A 4 -0.72 18.78 8.75
N ALA A 5 -1.90 18.95 8.15
CA ALA A 5 -2.73 17.81 7.78
C ALA A 5 -2.01 16.88 6.80
N LEU A 6 -0.99 17.41 6.14
CA LEU A 6 -0.23 16.62 5.17
C LEU A 6 0.81 15.75 5.87
N GLN A 7 1.33 16.23 6.99
CA GLN A 7 2.32 15.49 7.75
C GLN A 7 1.66 14.50 8.71
N LEU A 8 0.65 14.95 9.44
CA LEU A 8 -0.07 14.11 10.38
C LEU A 8 -0.66 12.88 9.69
N ALA A 9 -1.36 13.12 8.59
CA ALA A 9 -1.97 12.04 7.83
C ALA A 9 -0.92 11.09 7.24
N ALA A 10 0.19 11.66 6.79
CA ALA A 10 1.27 10.87 6.22
C ALA A 10 2.05 10.12 7.29
N CYS A 11 1.85 10.50 8.54
CA CYS A 11 2.53 9.85 9.66
C CYS A 11 2.05 8.42 9.83
N GLY A 12 0.79 8.17 9.51
CA GLY A 12 0.23 6.84 9.65
C GLY A 12 0.21 6.09 8.33
N LEU A 13 -0.22 6.77 7.27
CA LEU A 13 -0.27 6.17 5.94
C LEU A 13 1.12 5.77 5.49
N ALA A 14 2.13 6.20 6.25
CA ALA A 14 3.52 5.91 5.95
C ALA A 14 3.73 4.42 5.65
N GLY A 15 2.88 3.58 6.22
CA GLY A 15 2.99 2.15 6.00
C GLY A 15 1.68 1.52 5.54
N LEU A 16 0.57 2.15 5.91
CA LEU A 16 -0.74 1.64 5.54
C LEU A 16 -1.01 1.83 4.04
N SER A 17 -0.52 2.94 3.50
CA SER A 17 -0.71 3.25 2.08
C SER A 17 -0.14 2.13 1.21
N ALA A 18 1.11 1.77 1.48
CA ALA A 18 1.77 0.71 0.72
C ALA A 18 1.03 -0.61 0.86
N ALA A 19 0.41 -0.83 2.01
CA ALA A 19 -0.33 -2.04 2.27
C ALA A 19 -1.57 -2.13 1.37
N VAL A 20 -2.16 -0.99 1.09
CA VAL A 20 -3.35 -0.92 0.25
C VAL A 20 -2.98 -1.14 -1.22
N LEU A 21 -1.85 -0.58 -1.63
CA LEU A 21 -1.39 -0.72 -3.01
C LEU A 21 -1.03 -2.16 -3.32
N PHE A 22 -0.09 -2.71 -2.57
CA PHE A 22 0.36 -4.09 -2.78
C PHE A 22 -0.82 -5.06 -2.85
N SER A 23 -1.97 -4.64 -2.34
CA SER A 23 -3.16 -5.48 -2.35
C SER A 23 -3.86 -5.45 -3.71
N ALA A 24 -4.11 -4.25 -4.22
CA ALA A 24 -4.78 -4.09 -5.51
C ALA A 24 -3.86 -4.42 -6.69
N VAL A 25 -2.62 -3.96 -6.61
CA VAL A 25 -1.66 -4.21 -7.68
C VAL A 25 -1.36 -5.69 -7.83
N ALA A 26 -1.67 -6.47 -6.79
CA ALA A 26 -1.41 -7.91 -6.81
C ALA A 26 -2.63 -8.67 -7.30
N VAL A 27 -3.81 -8.31 -6.80
CA VAL A 27 -5.04 -8.98 -7.19
C VAL A 27 -5.33 -8.75 -8.67
N GLY A 28 -4.82 -7.64 -9.19
CA GLY A 28 -5.02 -7.32 -10.59
C GLY A 28 -4.02 -8.02 -11.49
N LYS A 29 -2.73 -7.74 -11.27
CA LYS A 29 -1.67 -8.35 -12.06
C LYS A 29 -0.74 -9.16 -11.17
N PRO A 30 -0.80 -10.51 -11.25
CA PRO A 30 0.05 -11.39 -10.46
C PRO A 30 1.48 -11.47 -11.00
N ARG A 31 2.40 -11.98 -10.19
CA ARG A 31 3.79 -12.12 -10.59
C ARG A 31 3.99 -13.39 -11.41
N ALA A 32 3.41 -13.43 -12.60
CA ALA A 32 3.53 -14.59 -13.47
C ALA A 32 4.88 -14.62 -14.18
N GLY A 33 5.81 -15.40 -13.61
CA GLY A 33 7.13 -15.53 -14.19
C GLY A 33 8.11 -16.21 -13.25
N GLY A 34 7.82 -16.15 -11.96
CA GLY A 34 8.70 -16.76 -10.97
C GLY A 34 9.85 -15.87 -10.57
N ASP A 35 10.14 -14.87 -11.40
CA ASP A 35 11.23 -13.94 -11.12
C ASP A 35 12.56 -14.68 -10.99
N ALA A 1 -22.83 -0.29 12.94
CA ALA A 1 -21.50 -0.55 12.36
C ALA A 1 -20.67 0.73 12.29
N PHE A 2 -20.95 1.67 13.20
CA PHE A 2 -20.24 2.94 13.24
C PHE A 2 -19.07 2.87 14.21
N ARG A 3 -19.06 1.84 15.05
CA ARG A 3 -17.99 1.67 16.03
C ARG A 3 -16.74 1.09 15.39
N GLN A 4 -16.94 0.24 14.39
CA GLN A 4 -15.83 -0.39 13.68
C GLN A 4 -15.03 0.64 12.90
N ALA A 5 -15.65 1.78 12.61
CA ALA A 5 -14.99 2.85 11.87
C ALA A 5 -13.94 3.55 12.72
N LEU A 6 -14.16 3.55 14.03
CA LEU A 6 -13.22 4.20 14.96
C LEU A 6 -11.94 3.40 15.08
N GLN A 7 -12.06 2.08 15.22
CA GLN A 7 -10.91 1.20 15.36
C GLN A 7 -10.19 1.03 14.02
N LEU A 8 -10.96 0.89 12.95
CA LEU A 8 -10.40 0.70 11.62
C LEU A 8 -9.60 1.92 11.18
N ALA A 9 -10.25 3.09 11.21
CA ALA A 9 -9.60 4.34 10.81
C ALA A 9 -8.38 4.62 11.68
N ALA A 10 -8.34 4.05 12.87
CA ALA A 10 -7.22 4.23 13.78
C ALA A 10 -6.05 3.35 13.41
N CYS A 11 -6.35 2.12 12.99
CA CYS A 11 -5.31 1.16 12.61
C CYS A 11 -4.80 1.46 11.21
N GLY A 12 -5.57 2.22 10.45
CA GLY A 12 -5.16 2.56 9.09
C GLY A 12 -4.26 3.78 9.05
N LEU A 13 -4.46 4.69 10.01
CA LEU A 13 -3.63 5.89 10.09
C LEU A 13 -2.19 5.50 10.39
N ALA A 14 -2.01 4.25 10.79
CA ALA A 14 -0.69 3.73 11.12
C ALA A 14 0.26 3.84 9.93
N GLY A 15 -0.28 3.59 8.73
CA GLY A 15 0.53 3.66 7.53
C GLY A 15 0.22 2.52 6.57
N LEU A 16 -0.81 1.75 6.89
CA LEU A 16 -1.21 0.63 6.06
C LEU A 16 -1.74 1.10 4.70
N SER A 17 -2.03 2.40 4.62
CA SER A 17 -2.54 2.99 3.39
C SER A 17 -1.64 2.62 2.20
N ALA A 18 -0.33 2.72 2.41
CA ALA A 18 0.63 2.39 1.36
C ALA A 18 0.59 0.90 1.05
N ALA A 19 0.30 0.09 2.06
CA ALA A 19 0.23 -1.35 1.88
C ALA A 19 -0.97 -1.75 1.04
N VAL A 20 -1.99 -0.89 1.03
CA VAL A 20 -3.20 -1.15 0.27
C VAL A 20 -2.87 -1.32 -1.22
N LEU A 21 -1.84 -0.62 -1.66
CA LEU A 21 -1.41 -0.70 -3.06
C LEU A 21 -1.02 -2.13 -3.42
N PHE A 22 -0.15 -2.72 -2.61
CA PHE A 22 0.31 -4.09 -2.84
C PHE A 22 -0.87 -5.05 -2.97
N SER A 23 -1.98 -4.71 -2.32
CA SER A 23 -3.18 -5.53 -2.37
C SER A 23 -3.85 -5.44 -3.74
N ALA A 24 -4.13 -4.21 -4.18
CA ALA A 24 -4.78 -3.99 -5.46
C ALA A 24 -3.98 -4.61 -6.60
N VAL A 25 -2.66 -4.53 -6.50
CA VAL A 25 -1.78 -5.09 -7.53
C VAL A 25 -2.09 -6.56 -7.75
N ALA A 26 -2.12 -7.34 -6.68
CA ALA A 26 -2.41 -8.75 -6.76
C ALA A 26 -3.80 -8.98 -7.36
N VAL A 27 -4.73 -8.07 -7.06
CA VAL A 27 -6.09 -8.19 -7.58
C VAL A 27 -6.09 -8.07 -9.10
N GLY A 28 -5.12 -7.34 -9.63
CA GLY A 28 -5.00 -7.18 -11.06
C GLY A 28 -3.85 -8.00 -11.62
N LYS A 29 -3.21 -8.77 -10.75
CA LYS A 29 -2.08 -9.61 -11.13
C LYS A 29 -2.42 -11.09 -10.90
N PRO A 30 -1.62 -12.02 -11.45
CA PRO A 30 -1.84 -13.46 -11.31
C PRO A 30 -2.08 -13.86 -9.86
N ARG A 31 -2.63 -15.06 -9.67
CA ARG A 31 -2.91 -15.57 -8.33
C ARG A 31 -1.62 -15.76 -7.55
N ALA A 32 -1.18 -14.68 -6.89
CA ALA A 32 0.04 -14.70 -6.10
C ALA A 32 -0.23 -14.29 -4.66
N GLY A 33 0.12 -15.17 -3.73
CA GLY A 33 -0.09 -14.89 -2.32
C GLY A 33 -0.91 -15.95 -1.61
N GLY A 34 -0.94 -17.15 -2.20
CA GLY A 34 -1.70 -18.23 -1.62
C GLY A 34 -1.14 -18.69 -0.28
N ASP A 35 0.15 -19.03 -0.27
CA ASP A 35 0.80 -19.49 0.95
C ASP A 35 1.51 -18.33 1.65
#